data_1O5Q
#
_entry.id   1O5Q
#
_cell.length_a   62.953
_cell.length_b   99.679
_cell.length_c   202.396
_cell.angle_alpha   90.00
_cell.angle_beta   90.00
_cell.angle_gamma   90.00
#
_symmetry.space_group_name_H-M   'P 21 21 21'
#
loop_
_entity.id
_entity.type
_entity.pdbx_description
1 polymer 'Probable methylisocitrate lyase'
2 non-polymer 'MAGNESIUM ION'
3 non-polymer 'PYRUVIC ACID'
4 water water
#
_entity_poly.entity_id   1
_entity_poly.type   'polypeptide(L)'
_entity_poly.pdbx_seq_one_letter_code
;MASSLHSPGQAFRAALAKENPLQIVGAINANHALLAQRAGYQAIYLSGGGVAAGSLGLPDLGISTLDDVLTDIRRITDVC
PLPLLVDADIGFGSSAFNVARTVKSIAKAGAAALHIEDQVGAKRCGHRPNKAIVSKEEMVDRIRAAVDARTDPNFVIMAR
TDALAVEGLEAALDRAQAYVDAGADMLFPEAITELSMYRRFADVAQVPILANITEFGATPLFTTDELRSAHVAMALYPLS
AFRAMNRAAEKVYTVLRQEGTQKNVIDIMQTRNELYESINYYQFEEKLDALYRNKKSLEHHHHHH
;
_entity_poly.pdbx_strand_id   A,B,C,D
#
loop_
_chem_comp.id
_chem_comp.type
_chem_comp.name
_chem_comp.formula
MG non-polymer 'MAGNESIUM ION' 'Mg 2'
PYR non-polymer 'PYRUVIC ACID' 'C3 H4 O3'
#
# COMPACT_ATOMS: atom_id res chain seq x y z
N SER A 7 -14.99 19.12 5.82
CA SER A 7 -13.89 19.69 5.00
C SER A 7 -12.66 20.00 5.85
N PRO A 8 -11.58 19.20 5.70
CA PRO A 8 -10.37 19.44 6.48
C PRO A 8 -9.80 20.83 6.21
N GLY A 9 -9.89 21.28 4.96
CA GLY A 9 -9.35 22.58 4.63
C GLY A 9 -10.12 23.67 5.37
N GLN A 10 -11.41 23.45 5.53
CA GLN A 10 -12.25 24.43 6.22
C GLN A 10 -11.86 24.47 7.70
N ALA A 11 -11.53 23.30 8.27
CA ALA A 11 -11.13 23.25 9.67
C ALA A 11 -9.78 23.93 9.86
N PHE A 12 -8.91 23.80 8.86
CA PHE A 12 -7.58 24.43 8.94
C PHE A 12 -7.74 25.95 8.96
N ARG A 13 -8.54 26.49 8.04
CA ARG A 13 -8.75 27.93 7.98
C ARG A 13 -9.40 28.45 9.25
N ALA A 14 -10.30 27.66 9.84
CA ALA A 14 -10.98 28.10 11.06
C ALA A 14 -10.01 28.13 12.25
N ALA A 15 -9.00 27.26 12.23
CA ALA A 15 -8.01 27.24 13.31
C ALA A 15 -7.19 28.51 13.18
N LEU A 16 -6.94 28.91 11.93
CA LEU A 16 -6.18 30.12 11.66
C LEU A 16 -6.88 31.34 12.25
N ALA A 17 -8.19 31.44 12.04
CA ALA A 17 -8.97 32.57 12.53
C ALA A 17 -9.13 32.54 14.05
N LYS A 18 -9.18 31.34 14.60
CA LYS A 18 -9.35 31.14 16.04
C LYS A 18 -8.10 31.38 16.90
N GLU A 19 -6.94 31.01 16.38
CA GLU A 19 -5.69 31.15 17.11
C GLU A 19 -4.70 31.95 16.28
N ASN A 20 -4.17 33.02 16.86
CA ASN A 20 -3.26 33.90 16.12
C ASN A 20 -2.11 34.34 17.00
N PRO A 21 -0.90 33.82 16.73
CA PRO A 21 -0.54 32.89 15.65
C PRO A 21 -0.98 31.46 16.00
N LEU A 22 -1.27 30.68 14.96
CA LEU A 22 -1.69 29.30 15.15
C LEU A 22 -0.44 28.42 15.26
N GLN A 23 -0.32 27.69 16.36
CA GLN A 23 0.81 26.79 16.55
C GLN A 23 0.51 25.49 15.82
N ILE A 24 1.37 25.12 14.89
CA ILE A 24 1.21 23.88 14.13
C ILE A 24 2.43 23.02 14.48
N VAL A 25 2.19 21.95 15.24
CA VAL A 25 3.30 21.08 15.64
C VAL A 25 3.36 19.83 14.78
N GLY A 26 4.59 19.36 14.54
CA GLY A 26 4.76 18.16 13.74
C GLY A 26 4.37 16.94 14.55
N ALA A 27 3.79 15.96 13.86
CA ALA A 27 3.41 14.71 14.49
C ALA A 27 4.03 13.67 13.58
N ILE A 28 5.02 12.94 14.11
CA ILE A 28 5.76 11.91 13.38
C ILE A 28 4.88 10.73 12.97
N ASN A 29 3.84 10.47 13.77
CA ASN A 29 2.91 9.38 13.49
C ASN A 29 1.54 9.62 14.11
N ALA A 30 0.62 8.68 13.88
CA ALA A 30 -0.74 8.77 14.37
C ALA A 30 -0.85 8.95 15.89
N ASN A 31 -0.02 8.23 16.64
CA ASN A 31 -0.03 8.32 18.09
C ASN A 31 0.34 9.72 18.60
N HIS A 32 1.36 10.33 18.02
CA HIS A 32 1.77 11.68 18.43
C HIS A 32 0.76 12.73 17.99
N ALA A 33 -0.01 12.42 16.94
CA ALA A 33 -1.03 13.34 16.46
C ALA A 33 -2.08 13.42 17.57
N LEU A 34 -2.38 12.29 18.20
CA LEU A 34 -3.34 12.25 19.29
C LEU A 34 -2.81 12.92 20.55
N LEU A 35 -1.51 12.82 20.79
CA LEU A 35 -0.91 13.45 21.96
C LEU A 35 -0.98 14.95 21.76
N ALA A 36 -0.72 15.40 20.54
CA ALA A 36 -0.76 16.82 20.22
C ALA A 36 -2.20 17.30 20.44
N GLN A 37 -3.15 16.56 19.88
CA GLN A 37 -4.56 16.91 20.03
C GLN A 37 -4.95 17.00 21.50
N ARG A 38 -4.48 16.06 22.31
CA ARG A 38 -4.79 16.07 23.75
C ARG A 38 -4.11 17.23 24.49
N ALA A 39 -3.01 17.73 23.93
CA ALA A 39 -2.29 18.84 24.53
C ALA A 39 -2.93 20.18 24.18
N GLY A 40 -3.97 20.13 23.36
CA GLY A 40 -4.68 21.36 23.00
C GLY A 40 -4.42 21.97 21.63
N TYR A 41 -3.51 21.40 20.85
CA TYR A 41 -3.23 21.96 19.53
C TYR A 41 -4.43 21.87 18.60
N GLN A 42 -4.52 22.84 17.68
CA GLN A 42 -5.63 22.94 16.74
C GLN A 42 -5.26 22.52 15.32
N ALA A 43 -3.98 22.33 15.07
CA ALA A 43 -3.51 21.92 13.75
C ALA A 43 -2.18 21.20 13.92
N ILE A 44 -1.95 20.19 13.08
CA ILE A 44 -0.70 19.44 13.14
C ILE A 44 0.02 19.46 11.79
N TYR A 45 1.24 18.95 11.78
CA TYR A 45 2.06 18.97 10.57
C TYR A 45 2.73 17.64 10.26
N LEU A 46 2.85 17.32 8.98
CA LEU A 46 3.53 16.09 8.56
C LEU A 46 4.81 16.52 7.86
N SER A 47 5.91 16.50 8.60
CA SER A 47 7.21 16.89 8.06
C SER A 47 7.78 15.90 7.04
N GLY A 48 8.18 16.42 5.88
CA GLY A 48 8.77 15.57 4.85
C GLY A 48 10.11 15.05 5.34
N GLY A 49 10.80 15.86 6.13
CA GLY A 49 12.08 15.45 6.68
C GLY A 49 11.82 14.41 7.76
N GLY A 50 10.61 14.45 8.32
CA GLY A 50 10.23 13.50 9.35
C GLY A 50 9.89 12.15 8.71
N VAL A 51 9.20 12.19 7.57
CA VAL A 51 8.84 10.97 6.87
C VAL A 51 10.11 10.22 6.47
N ALA A 52 11.12 10.95 6.01
CA ALA A 52 12.38 10.34 5.59
C ALA A 52 13.17 9.80 6.79
N ALA A 53 13.53 10.68 7.73
CA ALA A 53 14.31 10.26 8.88
C ALA A 53 13.56 9.36 9.86
N GLY A 54 12.27 9.62 10.05
CA GLY A 54 11.49 8.82 10.97
C GLY A 54 10.89 7.55 10.41
N SER A 55 10.01 7.69 9.42
CA SER A 55 9.35 6.55 8.81
C SER A 55 10.24 5.68 7.92
N LEU A 56 11.31 6.25 7.37
CA LEU A 56 12.18 5.48 6.49
C LEU A 56 13.62 5.35 6.98
N GLY A 57 13.98 6.16 7.97
CA GLY A 57 15.34 6.13 8.51
C GLY A 57 16.35 6.63 7.48
N LEU A 58 15.89 7.46 6.55
CA LEU A 58 16.73 7.98 5.49
C LEU A 58 16.93 9.49 5.58
N PRO A 59 18.06 9.99 5.07
CA PRO A 59 18.28 11.44 5.14
C PRO A 59 17.28 12.17 4.23
N ASP A 60 16.97 13.41 4.57
CA ASP A 60 16.02 14.23 3.82
C ASP A 60 16.70 14.74 2.54
N LEU A 61 17.03 13.80 1.65
CA LEU A 61 17.71 14.13 0.40
C LEU A 61 16.96 13.67 -0.86
N GLY A 62 15.63 13.74 -0.81
CA GLY A 62 14.83 13.36 -1.97
C GLY A 62 14.72 11.87 -2.28
N ILE A 63 14.87 11.04 -1.26
CA ILE A 63 14.79 9.60 -1.46
C ILE A 63 13.39 9.04 -1.24
N SER A 64 12.63 9.65 -0.35
CA SER A 64 11.28 9.18 -0.08
C SER A 64 10.42 9.44 -1.32
N THR A 65 9.26 8.79 -1.36
CA THR A 65 8.35 8.97 -2.49
C THR A 65 7.02 9.51 -1.97
N LEU A 66 6.13 9.85 -2.90
CA LEU A 66 4.82 10.36 -2.53
C LEU A 66 4.10 9.28 -1.72
N ASP A 67 4.27 8.04 -2.12
CA ASP A 67 3.65 6.92 -1.44
C ASP A 67 3.98 6.84 0.05
N ASP A 68 5.25 7.08 0.41
CA ASP A 68 5.63 7.04 1.82
C ASP A 68 4.82 8.09 2.57
N VAL A 69 4.69 9.26 1.97
CA VAL A 69 3.95 10.37 2.55
C VAL A 69 2.45 10.14 2.66
N LEU A 70 1.86 9.53 1.64
CA LEU A 70 0.42 9.25 1.63
C LEU A 70 0.06 8.25 2.73
N THR A 71 0.97 7.31 2.99
CA THR A 71 0.73 6.31 4.00
C THR A 71 0.63 6.98 5.38
N ASP A 72 1.55 7.90 5.65
CA ASP A 72 1.55 8.61 6.92
C ASP A 72 0.34 9.54 7.07
N ILE A 73 -0.07 10.17 5.97
CA ILE A 73 -1.23 11.06 5.99
C ILE A 73 -2.49 10.28 6.37
N ARG A 74 -2.67 9.12 5.74
CA ARG A 74 -3.84 8.30 6.01
C ARG A 74 -3.88 7.80 7.44
N ARG A 75 -2.74 7.28 7.91
CA ARG A 75 -2.65 6.77 9.28
C ARG A 75 -3.02 7.88 10.27
N ILE A 76 -2.50 9.08 10.04
CA ILE A 76 -2.76 10.19 10.92
C ILE A 76 -4.19 10.71 10.85
N THR A 77 -4.64 11.05 9.65
CA THR A 77 -6.00 11.58 9.48
C THR A 77 -7.10 10.54 9.67
N ASP A 78 -6.78 9.25 9.59
CA ASP A 78 -7.80 8.24 9.80
C ASP A 78 -8.16 8.15 11.28
N VAL A 79 -7.31 8.68 12.15
CA VAL A 79 -7.61 8.59 13.57
C VAL A 79 -7.66 9.96 14.26
N CYS A 80 -6.98 10.95 13.70
CA CYS A 80 -6.97 12.28 14.30
C CYS A 80 -7.68 13.25 13.37
N PRO A 81 -8.70 13.95 13.89
CA PRO A 81 -9.51 14.92 13.15
C PRO A 81 -8.87 16.29 12.95
N LEU A 82 -7.77 16.55 13.66
CA LEU A 82 -7.11 17.84 13.52
C LEU A 82 -6.69 18.06 12.06
N PRO A 83 -6.88 19.27 11.54
CA PRO A 83 -6.48 19.51 10.15
C PRO A 83 -4.97 19.31 10.02
N LEU A 84 -4.56 18.55 9.01
CA LEU A 84 -3.14 18.27 8.80
C LEU A 84 -2.49 19.03 7.64
N LEU A 85 -1.42 19.75 7.94
CA LEU A 85 -0.67 20.48 6.91
C LEU A 85 0.43 19.51 6.47
N VAL A 86 0.53 19.26 5.17
CA VAL A 86 1.53 18.34 4.64
C VAL A 86 2.62 18.95 3.76
N ASP A 87 3.85 18.55 4.00
CA ASP A 87 4.98 19.04 3.23
C ASP A 87 4.98 18.24 1.93
N ALA A 88 4.67 18.90 0.80
CA ALA A 88 4.63 18.23 -0.48
C ALA A 88 5.86 18.46 -1.35
N ASP A 89 6.90 19.00 -0.74
CA ASP A 89 8.15 19.26 -1.45
C ASP A 89 7.95 20.12 -2.71
N ILE A 90 8.07 19.50 -3.88
CA ILE A 90 7.86 20.22 -5.13
C ILE A 90 6.82 19.56 -6.02
N GLY A 91 6.01 18.68 -5.44
CA GLY A 91 4.96 18.01 -6.21
C GLY A 91 5.26 16.58 -6.59
N PHE A 92 6.46 16.10 -6.25
CA PHE A 92 6.84 14.73 -6.57
C PHE A 92 6.70 14.43 -8.05
N GLY A 93 7.74 14.79 -8.80
CA GLY A 93 7.74 14.56 -10.23
C GLY A 93 8.44 15.71 -10.93
N SER A 94 7.82 16.22 -11.99
CA SER A 94 8.36 17.32 -12.77
C SER A 94 7.32 17.89 -13.72
N SER A 95 6.25 17.12 -13.92
CA SER A 95 5.26 17.44 -14.95
C SER A 95 4.08 18.06 -14.22
N ALA A 96 3.33 18.88 -14.94
CA ALA A 96 2.15 19.51 -14.36
C ALA A 96 1.16 18.41 -13.96
N PHE A 97 1.26 17.26 -14.62
CA PHE A 97 0.41 16.12 -14.34
C PHE A 97 0.80 15.52 -12.99
N ASN A 98 2.10 15.57 -12.70
CA ASN A 98 2.62 15.03 -11.45
C ASN A 98 2.20 15.88 -10.25
N VAL A 99 2.29 17.21 -10.40
CA VAL A 99 1.90 18.11 -9.32
C VAL A 99 0.42 17.94 -9.05
N ALA A 100 -0.37 17.96 -10.12
CA ALA A 100 -1.82 17.82 -10.00
C ALA A 100 -2.19 16.48 -9.38
N ARG A 101 -1.54 15.40 -9.83
CA ARG A 101 -1.84 14.09 -9.29
C ARG A 101 -1.44 14.02 -7.81
N THR A 102 -0.34 14.70 -7.48
CA THR A 102 0.15 14.73 -6.11
C THR A 102 -0.81 15.50 -5.20
N VAL A 103 -1.24 16.67 -5.67
CA VAL A 103 -2.16 17.51 -4.90
C VAL A 103 -3.45 16.75 -4.60
N LYS A 104 -4.02 16.13 -5.64
CA LYS A 104 -5.25 15.39 -5.49
C LYS A 104 -5.06 14.22 -4.54
N SER A 105 -3.94 13.50 -4.71
CA SER A 105 -3.64 12.35 -3.87
C SER A 105 -3.54 12.74 -2.40
N ILE A 106 -2.80 13.80 -2.13
CA ILE A 106 -2.61 14.27 -0.77
C ILE A 106 -3.94 14.66 -0.11
N ALA A 107 -4.79 15.36 -0.86
CA ALA A 107 -6.10 15.78 -0.34
C ALA A 107 -6.99 14.57 -0.11
N LYS A 108 -6.94 13.62 -1.04
CA LYS A 108 -7.75 12.41 -0.93
C LYS A 108 -7.30 11.60 0.27
N ALA A 109 -6.00 11.59 0.52
CA ALA A 109 -5.44 10.86 1.65
C ALA A 109 -5.99 11.41 2.96
N GLY A 110 -6.51 12.64 2.92
CA GLY A 110 -7.09 13.23 4.12
C GLY A 110 -6.48 14.52 4.65
N ALA A 111 -5.48 15.06 3.96
CA ALA A 111 -4.83 16.29 4.41
C ALA A 111 -5.73 17.52 4.26
N ALA A 112 -5.47 18.54 5.07
CA ALA A 112 -6.24 19.78 5.04
C ALA A 112 -5.53 20.87 4.25
N ALA A 113 -4.21 20.72 4.12
CA ALA A 113 -3.41 21.70 3.41
C ALA A 113 -2.04 21.13 3.06
N LEU A 114 -1.31 21.83 2.20
CA LEU A 114 0.02 21.40 1.80
C LEU A 114 0.81 22.59 1.31
N HIS A 115 2.12 22.46 1.30
CA HIS A 115 2.96 23.52 0.78
C HIS A 115 3.95 22.97 -0.23
N ILE A 116 4.24 23.76 -1.26
CA ILE A 116 5.19 23.40 -2.30
C ILE A 116 6.19 24.53 -2.34
N GLU A 117 7.44 24.21 -2.65
CA GLU A 117 8.50 25.21 -2.68
C GLU A 117 9.08 25.45 -4.06
N ASP A 118 9.76 26.59 -4.25
CA ASP A 118 10.36 26.92 -5.54
C ASP A 118 11.75 26.30 -5.67
N GLN A 119 11.92 25.16 -5.04
CA GLN A 119 13.19 24.44 -5.08
C GLN A 119 13.31 23.71 -6.41
N VAL A 120 14.52 23.66 -6.95
CA VAL A 120 14.76 22.98 -8.22
C VAL A 120 14.86 21.48 -8.00
N ALA A 132 19.84 26.34 -5.32
CA ALA A 132 19.19 27.07 -6.40
C ALA A 132 17.68 26.85 -6.38
N ILE A 133 16.94 27.85 -6.84
CA ILE A 133 15.50 27.74 -6.89
C ILE A 133 15.01 27.96 -8.31
N VAL A 134 13.92 27.29 -8.66
CA VAL A 134 13.36 27.43 -10.00
C VAL A 134 13.04 28.90 -10.24
N SER A 135 12.67 29.23 -11.47
CA SER A 135 12.33 30.61 -11.81
C SER A 135 10.96 30.95 -11.26
N LYS A 136 10.65 32.24 -11.23
CA LYS A 136 9.36 32.69 -10.73
C LYS A 136 8.27 32.05 -11.58
N GLU A 137 8.43 32.14 -12.90
CA GLU A 137 7.46 31.57 -13.83
C GLU A 137 7.28 30.08 -13.58
N GLU A 138 8.39 29.39 -13.38
CA GLU A 138 8.37 27.96 -13.12
C GLU A 138 7.46 27.67 -11.92
N MET A 139 7.73 28.37 -10.82
CA MET A 139 6.96 28.20 -9.60
C MET A 139 5.50 28.54 -9.84
N VAL A 140 5.26 29.71 -10.43
CA VAL A 140 3.91 30.16 -10.72
C VAL A 140 3.11 29.06 -11.41
N ASP A 141 3.74 28.36 -12.34
CA ASP A 141 3.07 27.28 -13.05
C ASP A 141 2.77 26.11 -12.11
N ARG A 142 3.71 25.79 -11.23
CA ARG A 142 3.48 24.71 -10.28
C ARG A 142 2.27 25.06 -9.43
N ILE A 143 2.25 26.28 -8.90
CA ILE A 143 1.15 26.76 -8.07
C ILE A 143 -0.17 26.67 -8.83
N ARG A 144 -0.19 27.21 -10.05
CA ARG A 144 -1.39 27.18 -10.88
C ARG A 144 -1.87 25.75 -11.08
N ALA A 145 -0.91 24.83 -11.22
CA ALA A 145 -1.22 23.41 -11.40
C ALA A 145 -1.87 22.83 -10.16
N ALA A 146 -1.36 23.19 -8.99
CA ALA A 146 -1.90 22.70 -7.73
C ALA A 146 -3.29 23.28 -7.50
N VAL A 147 -3.41 24.59 -7.71
CA VAL A 147 -4.68 25.29 -7.52
C VAL A 147 -5.78 24.73 -8.41
N ASP A 148 -5.43 24.37 -9.63
CA ASP A 148 -6.42 23.82 -10.57
C ASP A 148 -6.77 22.36 -10.29
N ALA A 149 -5.82 21.60 -9.75
CA ALA A 149 -6.04 20.20 -9.45
C ALA A 149 -6.95 20.09 -8.23
N ARG A 150 -6.90 21.11 -7.38
CA ARG A 150 -7.69 21.15 -6.17
C ARG A 150 -9.18 20.93 -6.45
N THR A 151 -9.81 20.06 -5.67
CA THR A 151 -11.23 19.77 -5.81
C THR A 151 -12.02 20.60 -4.81
N ASP A 152 -11.58 20.61 -3.55
CA ASP A 152 -12.24 21.39 -2.53
C ASP A 152 -11.54 22.74 -2.46
N PRO A 153 -12.24 23.82 -2.82
CA PRO A 153 -11.65 25.16 -2.79
C PRO A 153 -11.16 25.55 -1.41
N ASN A 154 -11.62 24.83 -0.39
CA ASN A 154 -11.20 25.10 0.98
C ASN A 154 -9.84 24.48 1.28
N PHE A 155 -9.45 23.47 0.50
CA PHE A 155 -8.15 22.84 0.69
C PHE A 155 -7.10 23.93 0.45
N VAL A 156 -6.20 24.09 1.42
CA VAL A 156 -5.18 25.13 1.33
C VAL A 156 -3.91 24.77 0.57
N ILE A 157 -3.47 25.69 -0.28
CA ILE A 157 -2.24 25.53 -1.04
C ILE A 157 -1.29 26.62 -0.55
N MET A 158 -0.24 26.19 0.15
CA MET A 158 0.75 27.10 0.69
C MET A 158 1.98 27.08 -0.20
N ALA A 159 2.55 28.26 -0.45
CA ALA A 159 3.74 28.35 -1.29
C ALA A 159 4.96 28.65 -0.44
N ARG A 160 5.92 27.73 -0.47
CA ARG A 160 7.14 27.90 0.30
C ARG A 160 8.18 28.47 -0.64
N THR A 161 8.94 29.45 -0.16
CA THR A 161 9.97 30.06 -1.00
C THR A 161 11.25 30.36 -0.23
N ASP A 162 12.38 30.31 -0.93
CA ASP A 162 13.69 30.58 -0.33
C ASP A 162 14.40 31.67 -1.14
N ALA A 163 13.62 32.51 -1.81
CA ALA A 163 14.16 33.58 -2.62
C ALA A 163 14.97 34.60 -1.82
N LEU A 164 14.55 34.87 -0.59
CA LEU A 164 15.24 35.85 0.25
C LEU A 164 16.74 35.61 0.29
N ALA A 165 17.14 34.45 0.80
CA ALA A 165 18.55 34.13 0.88
C ALA A 165 19.19 34.10 -0.50
N VAL A 166 18.58 33.36 -1.41
CA VAL A 166 19.10 33.22 -2.77
C VAL A 166 19.18 34.52 -3.57
N GLU A 167 18.04 34.99 -4.05
CA GLU A 167 17.96 36.19 -4.87
C GLU A 167 17.82 37.53 -4.16
N GLY A 168 17.76 37.52 -2.84
CA GLY A 168 17.60 38.77 -2.12
C GLY A 168 16.15 39.19 -1.96
N LEU A 169 15.93 40.13 -1.03
CA LEU A 169 14.59 40.62 -0.72
C LEU A 169 13.81 41.23 -1.89
N GLU A 170 14.49 41.97 -2.75
CA GLU A 170 13.82 42.60 -3.89
C GLU A 170 13.13 41.54 -4.74
N ALA A 171 13.89 40.52 -5.14
CA ALA A 171 13.35 39.44 -5.95
C ALA A 171 12.38 38.57 -5.15
N ALA A 172 12.69 38.35 -3.87
CA ALA A 172 11.85 37.54 -3.00
C ALA A 172 10.46 38.15 -2.84
N LEU A 173 10.41 39.44 -2.54
CA LEU A 173 9.14 40.12 -2.36
C LEU A 173 8.32 40.09 -3.64
N ASP A 174 9.00 40.09 -4.77
CA ASP A 174 8.30 40.04 -6.05
C ASP A 174 7.71 38.66 -6.28
N ARG A 175 8.49 37.62 -6.02
CA ARG A 175 8.00 36.25 -6.19
C ARG A 175 6.76 36.05 -5.31
N ALA A 176 6.82 36.60 -4.10
CA ALA A 176 5.72 36.49 -3.14
C ALA A 176 4.41 36.95 -3.78
N GLN A 177 4.39 38.17 -4.30
CA GLN A 177 3.21 38.71 -4.95
C GLN A 177 2.78 37.82 -6.11
N ALA A 178 3.76 37.39 -6.91
CA ALA A 178 3.48 36.53 -8.05
C ALA A 178 2.87 35.21 -7.62
N TYR A 179 3.38 34.62 -6.54
CA TYR A 179 2.85 33.35 -6.06
C TYR A 179 1.41 33.57 -5.63
N VAL A 180 1.17 34.65 -4.90
CA VAL A 180 -0.16 34.99 -4.44
C VAL A 180 -1.09 35.22 -5.64
N ASP A 181 -0.62 35.97 -6.63
CA ASP A 181 -1.44 36.20 -7.81
C ASP A 181 -1.74 34.87 -8.47
N ALA A 182 -0.79 33.95 -8.39
CA ALA A 182 -0.93 32.63 -8.98
C ALA A 182 -1.97 31.74 -8.29
N GLY A 183 -2.30 32.05 -7.04
CA GLY A 183 -3.30 31.25 -6.34
C GLY A 183 -2.91 30.75 -4.96
N ALA A 184 -1.68 30.98 -4.54
CA ALA A 184 -1.22 30.53 -3.24
C ALA A 184 -2.06 31.18 -2.14
N ASP A 185 -2.67 30.36 -1.28
CA ASP A 185 -3.49 30.87 -0.19
C ASP A 185 -2.67 31.42 0.95
N MET A 186 -1.49 30.85 1.15
CA MET A 186 -0.62 31.28 2.23
C MET A 186 0.84 31.22 1.78
N LEU A 187 1.72 31.88 2.51
CA LEU A 187 3.14 31.90 2.16
C LEU A 187 4.04 31.37 3.27
N PHE A 188 5.07 30.64 2.86
CA PHE A 188 6.04 30.04 3.78
C PHE A 188 7.42 30.51 3.31
N PRO A 189 7.84 31.70 3.77
CA PRO A 189 9.14 32.28 3.41
C PRO A 189 10.26 31.75 4.29
N GLU A 190 11.21 31.05 3.69
CA GLU A 190 12.33 30.49 4.44
C GLU A 190 13.46 31.47 4.74
N ALA A 191 14.28 31.11 5.72
CA ALA A 191 15.44 31.90 6.11
C ALA A 191 15.18 33.30 6.66
N ILE A 192 14.19 33.43 7.54
CA ILE A 192 13.91 34.74 8.12
C ILE A 192 14.37 34.75 9.58
N THR A 193 15.13 35.77 9.95
CA THR A 193 15.65 35.88 11.30
C THR A 193 15.21 37.14 12.03
N GLU A 194 14.49 38.01 11.35
CA GLU A 194 14.04 39.25 11.98
C GLU A 194 12.54 39.48 11.84
N LEU A 195 11.88 39.80 12.95
CA LEU A 195 10.44 40.06 12.95
C LEU A 195 10.08 41.12 11.92
N SER A 196 10.89 42.18 11.85
CA SER A 196 10.65 43.26 10.92
C SER A 196 10.56 42.72 9.49
N MET A 197 11.27 41.63 9.23
CA MET A 197 11.26 41.02 7.92
C MET A 197 9.96 40.24 7.68
N TYR A 198 9.44 39.58 8.72
CA TYR A 198 8.17 38.85 8.58
C TYR A 198 7.09 39.88 8.31
N ARG A 199 7.16 40.97 9.09
CA ARG A 199 6.21 42.07 8.98
C ARG A 199 6.17 42.53 7.53
N ARG A 200 7.34 42.79 6.96
CA ARG A 200 7.45 43.23 5.58
C ARG A 200 6.83 42.20 4.64
N PHE A 201 7.16 40.93 4.84
CA PHE A 201 6.61 39.87 3.99
C PHE A 201 5.09 39.78 4.08
N ALA A 202 4.55 40.02 5.27
CA ALA A 202 3.12 39.96 5.49
C ALA A 202 2.44 41.11 4.73
N ASP A 203 2.99 42.30 4.84
CA ASP A 203 2.42 43.46 4.15
C ASP A 203 2.37 43.23 2.64
N VAL A 204 3.49 42.76 2.09
CA VAL A 204 3.57 42.53 0.65
C VAL A 204 2.65 41.39 0.19
N ALA A 205 2.86 40.20 0.73
CA ALA A 205 2.07 39.03 0.37
C ALA A 205 0.57 39.24 0.52
N GLN A 206 0.17 39.78 1.67
CA GLN A 206 -1.25 40.02 1.94
C GLN A 206 -2.03 38.73 2.18
N VAL A 207 -1.32 37.70 2.65
CA VAL A 207 -1.93 36.41 2.97
C VAL A 207 -1.21 35.87 4.19
N PRO A 208 -1.83 34.94 4.93
CA PRO A 208 -1.22 34.36 6.13
C PRO A 208 0.23 33.93 5.90
N ILE A 209 1.11 34.33 6.82
CA ILE A 209 2.51 34.00 6.73
C ILE A 209 2.85 32.95 7.79
N LEU A 210 3.62 31.94 7.39
CA LEU A 210 4.03 30.89 8.30
C LEU A 210 5.50 31.07 8.63
N ALA A 211 5.83 31.00 9.92
CA ALA A 211 7.20 31.13 10.38
C ALA A 211 7.66 29.76 10.87
N ASN A 212 8.79 29.28 10.34
CA ASN A 212 9.32 27.98 10.71
C ASN A 212 10.21 28.09 11.95
N ILE A 213 9.68 27.70 13.11
CA ILE A 213 10.44 27.79 14.34
C ILE A 213 11.08 26.45 14.73
N THR A 214 11.79 25.84 13.78
CA THR A 214 12.46 24.57 14.05
C THR A 214 13.73 24.87 14.85
N GLU A 215 14.24 23.88 15.58
CA GLU A 215 15.45 24.10 16.37
C GLU A 215 16.71 23.69 15.61
N PHE A 216 17.87 24.11 16.13
CA PHE A 216 19.16 23.81 15.53
C PHE A 216 19.30 24.36 14.11
N GLY A 217 18.57 25.43 13.82
CA GLY A 217 18.63 26.06 12.51
C GLY A 217 19.18 27.47 12.62
N ALA A 218 18.75 28.33 11.70
CA ALA A 218 19.21 29.73 11.71
C ALA A 218 18.21 30.66 12.37
N THR A 219 16.93 30.37 12.20
CA THR A 219 15.86 31.18 12.77
C THR A 219 15.89 31.14 14.29
N PRO A 220 15.71 32.29 14.94
CA PRO A 220 15.70 32.34 16.40
C PRO A 220 14.47 31.59 16.92
N LEU A 221 14.50 31.25 18.21
CA LEU A 221 13.36 30.56 18.81
C LEU A 221 12.34 31.60 19.24
N PHE A 222 11.68 32.19 18.25
CA PHE A 222 10.67 33.22 18.50
C PHE A 222 9.48 32.66 19.27
N THR A 223 8.96 33.46 20.19
CA THR A 223 7.81 33.08 21.01
C THR A 223 6.54 33.47 20.27
N THR A 224 5.42 32.87 20.63
CA THR A 224 4.17 33.20 19.97
C THR A 224 3.86 34.70 20.08
N ASP A 225 4.18 35.32 21.22
CA ASP A 225 3.94 36.76 21.40
C ASP A 225 4.77 37.57 20.42
N GLU A 226 6.05 37.24 20.31
CA GLU A 226 6.93 37.95 19.41
C GLU A 226 6.45 37.81 17.98
N LEU A 227 6.08 36.59 17.61
CA LEU A 227 5.60 36.32 16.26
C LEU A 227 4.34 37.11 15.97
N ARG A 228 3.48 37.26 16.98
CA ARG A 228 2.23 38.01 16.80
C ARG A 228 2.57 39.46 16.47
N SER A 229 3.52 40.03 17.19
CA SER A 229 3.94 41.41 16.97
C SER A 229 4.57 41.53 15.60
N ALA A 230 4.80 40.38 14.95
CA ALA A 230 5.42 40.36 13.63
C ALA A 230 4.44 40.10 12.51
N HIS A 231 3.15 40.08 12.84
CA HIS A 231 2.10 39.84 11.85
C HIS A 231 2.12 38.40 11.34
N VAL A 232 2.81 37.52 12.05
CA VAL A 232 2.89 36.11 11.64
C VAL A 232 1.59 35.36 11.99
N ALA A 233 1.05 34.66 10.99
CA ALA A 233 -0.19 33.92 11.17
C ALA A 233 -0.05 32.51 11.72
N MET A 234 1.08 31.85 11.43
CA MET A 234 1.30 30.48 11.89
C MET A 234 2.72 30.26 12.39
N ALA A 235 2.84 29.49 13.47
CA ALA A 235 4.15 29.16 14.03
C ALA A 235 4.29 27.65 13.84
N LEU A 236 5.30 27.24 13.08
CA LEU A 236 5.54 25.83 12.78
C LEU A 236 6.70 25.25 13.59
N TYR A 237 6.48 24.07 14.16
CA TYR A 237 7.49 23.35 14.94
C TYR A 237 7.45 21.95 14.33
N PRO A 238 8.16 21.76 13.20
CA PRO A 238 8.23 20.51 12.43
C PRO A 238 8.72 19.20 13.03
N LEU A 239 9.78 19.22 13.83
CA LEU A 239 10.32 17.98 14.39
C LEU A 239 10.53 17.97 15.90
N SER A 240 10.15 19.06 16.56
CA SER A 240 10.33 19.20 18.00
C SER A 240 10.09 17.93 18.83
N ALA A 241 8.89 17.38 18.74
CA ALA A 241 8.55 16.17 19.50
C ALA A 241 9.43 15.00 19.08
N PHE A 242 9.64 14.87 17.77
CA PHE A 242 10.46 13.81 17.20
C PHE A 242 11.87 13.81 17.82
N ARG A 243 12.51 14.97 17.85
CA ARG A 243 13.86 15.10 18.41
C ARG A 243 13.92 14.54 19.83
N ALA A 244 12.93 14.92 20.63
CA ALA A 244 12.87 14.47 22.01
C ALA A 244 12.58 12.97 22.14
N MET A 245 11.74 12.43 21.27
CA MET A 245 11.39 11.02 21.33
C MET A 245 12.58 10.12 20.98
N ASN A 246 13.46 10.62 20.13
CA ASN A 246 14.65 9.85 19.73
C ASN A 246 15.68 9.76 20.84
N ARG A 247 15.94 10.88 21.48
CA ARG A 247 16.89 10.92 22.59
C ARG A 247 16.41 9.97 23.70
N ALA A 248 15.11 9.99 23.99
CA ALA A 248 14.57 9.13 25.04
C ALA A 248 14.68 7.66 24.63
N ALA A 249 14.41 7.38 23.36
CA ALA A 249 14.49 6.01 22.85
C ALA A 249 15.93 5.52 22.90
N GLU A 250 16.86 6.38 22.47
CA GLU A 250 18.27 6.01 22.47
C GLU A 250 18.71 5.72 23.90
N LYS A 251 18.17 6.49 24.85
CA LYS A 251 18.51 6.32 26.25
C LYS A 251 18.08 4.93 26.73
N VAL A 252 16.89 4.49 26.33
CA VAL A 252 16.42 3.17 26.74
C VAL A 252 17.23 2.06 26.10
N TYR A 253 17.52 2.19 24.81
CA TYR A 253 18.32 1.18 24.13
C TYR A 253 19.70 1.03 24.77
N THR A 254 20.35 2.17 25.04
CA THR A 254 21.69 2.18 25.63
C THR A 254 21.73 1.53 27.01
N VAL A 255 20.92 2.04 27.95
CA VAL A 255 20.90 1.52 29.31
C VAL A 255 20.57 0.02 29.33
N LEU A 256 19.52 -0.36 28.60
CA LEU A 256 19.12 -1.77 28.57
C LEU A 256 20.24 -2.68 28.04
N ARG A 257 20.96 -2.21 27.03
CA ARG A 257 22.03 -3.01 26.46
C ARG A 257 23.19 -3.11 27.43
N GLN A 258 23.49 -1.98 28.06
CA GLN A 258 24.59 -1.90 29.01
C GLN A 258 24.36 -2.67 30.31
N GLU A 259 23.16 -2.53 30.89
CA GLU A 259 22.86 -3.17 32.16
C GLU A 259 22.16 -4.54 32.15
N GLY A 260 21.67 -4.95 30.99
CA GLY A 260 21.00 -6.24 30.91
C GLY A 260 19.60 -6.23 31.50
N THR A 261 19.02 -5.04 31.68
CA THR A 261 17.67 -4.86 32.21
C THR A 261 17.28 -3.40 32.00
N GLN A 262 15.99 -3.12 31.89
CA GLN A 262 15.53 -1.74 31.70
C GLN A 262 15.06 -1.10 33.00
N LYS A 263 15.34 -1.76 34.13
CA LYS A 263 14.93 -1.25 35.44
C LYS A 263 15.20 0.23 35.68
N ASN A 264 16.40 0.69 35.34
CA ASN A 264 16.76 2.08 35.58
C ASN A 264 16.27 3.13 34.59
N VAL A 265 15.38 2.76 33.68
CA VAL A 265 14.81 3.73 32.74
C VAL A 265 13.29 3.63 32.78
N ILE A 266 12.80 2.82 33.70
CA ILE A 266 11.37 2.65 33.90
C ILE A 266 10.75 4.01 34.23
N ASP A 267 11.50 4.84 34.96
CA ASP A 267 11.03 6.16 35.36
C ASP A 267 10.85 7.19 34.24
N ILE A 268 11.40 6.93 33.06
CA ILE A 268 11.22 7.88 31.96
C ILE A 268 10.24 7.32 30.93
N MET A 269 9.56 6.24 31.29
CA MET A 269 8.61 5.59 30.39
C MET A 269 7.14 5.94 30.61
N GLN A 270 6.42 6.08 29.50
CA GLN A 270 4.97 6.33 29.55
C GLN A 270 4.43 5.00 30.06
N THR A 271 3.56 5.01 31.06
CA THR A 271 3.02 3.76 31.59
C THR A 271 1.98 3.17 30.62
N ARG A 272 1.53 1.95 30.91
CA ARG A 272 0.54 1.33 30.05
C ARG A 272 -0.80 2.06 30.19
N ASN A 273 -1.15 2.46 31.42
CA ASN A 273 -2.40 3.18 31.62
C ASN A 273 -2.38 4.50 30.84
N GLU A 274 -1.23 5.17 30.82
CA GLU A 274 -1.12 6.43 30.08
C GLU A 274 -1.28 6.21 28.58
N LEU A 275 -0.71 5.13 28.09
CA LEU A 275 -0.78 4.79 26.66
C LEU A 275 -2.25 4.52 26.32
N TYR A 276 -2.89 3.65 27.10
CA TYR A 276 -4.29 3.29 26.90
C TYR A 276 -5.17 4.53 26.90
N GLU A 277 -4.93 5.39 27.88
CA GLU A 277 -5.68 6.63 28.00
C GLU A 277 -5.50 7.50 26.76
N SER A 278 -4.25 7.67 26.32
CA SER A 278 -3.96 8.51 25.16
C SER A 278 -4.66 8.07 23.87
N ILE A 279 -4.89 6.77 23.73
CA ILE A 279 -5.54 6.26 22.53
C ILE A 279 -6.99 5.84 22.74
N ASN A 280 -7.55 6.20 23.90
CA ASN A 280 -8.93 5.90 24.25
C ASN A 280 -9.24 4.41 24.22
N TYR A 281 -8.36 3.62 24.84
CA TYR A 281 -8.51 2.18 24.88
C TYR A 281 -9.89 1.71 25.33
N TYR A 282 -10.35 2.22 26.48
CA TYR A 282 -11.63 1.81 27.04
C TYR A 282 -12.88 2.17 26.25
N GLN A 283 -12.82 3.23 25.45
CA GLN A 283 -13.97 3.60 24.64
C GLN A 283 -14.13 2.57 23.51
N PHE A 284 -13.02 2.01 23.05
CA PHE A 284 -13.08 1.01 22.00
C PHE A 284 -13.53 -0.32 22.61
N GLU A 285 -12.87 -0.73 23.69
CA GLU A 285 -13.25 -1.98 24.34
C GLU A 285 -14.72 -1.91 24.72
N GLU A 286 -15.22 -0.69 24.94
CA GLU A 286 -16.61 -0.48 25.29
C GLU A 286 -17.48 -0.93 24.12
N LYS A 287 -17.08 -0.53 22.92
CA LYS A 287 -17.82 -0.91 21.72
C LYS A 287 -17.78 -2.43 21.56
N LEU A 288 -16.60 -3.00 21.75
CA LEU A 288 -16.42 -4.44 21.63
C LEU A 288 -17.27 -5.14 22.71
N SER B 7 20.31 -14.86 4.28
CA SER B 7 18.83 -14.68 4.48
C SER B 7 18.56 -14.17 5.89
N PRO B 8 17.52 -13.34 6.06
CA PRO B 8 17.19 -12.82 7.38
C PRO B 8 17.00 -13.91 8.43
N GLY B 9 16.37 -15.01 8.00
CA GLY B 9 16.17 -16.12 8.91
C GLY B 9 17.51 -16.64 9.39
N GLN B 10 18.46 -16.77 8.46
CA GLN B 10 19.79 -17.24 8.81
C GLN B 10 20.41 -16.27 9.81
N ALA B 11 20.22 -14.97 9.56
CA ALA B 11 20.76 -13.93 10.41
C ALA B 11 20.16 -13.97 11.81
N PHE B 12 18.88 -14.31 11.91
CA PHE B 12 18.22 -14.39 13.21
C PHE B 12 18.82 -15.55 14.00
N ARG B 13 18.90 -16.71 13.36
CA ARG B 13 19.47 -17.90 14.01
C ARG B 13 20.95 -17.69 14.36
N ALA B 14 21.67 -16.96 13.53
CA ALA B 14 23.08 -16.67 13.80
C ALA B 14 23.16 -15.79 15.05
N ALA B 15 22.27 -14.81 15.14
CA ALA B 15 22.24 -13.92 16.29
C ALA B 15 21.93 -14.72 17.56
N LEU B 16 21.01 -15.66 17.47
CA LEU B 16 20.62 -16.50 18.61
C LEU B 16 21.81 -17.36 19.05
N ALA B 17 22.54 -17.90 18.08
CA ALA B 17 23.69 -18.75 18.35
C ALA B 17 24.84 -18.02 19.04
N LYS B 18 24.97 -16.73 18.75
CA LYS B 18 26.07 -15.94 19.31
C LYS B 18 25.76 -15.18 20.59
N GLU B 19 24.49 -15.08 20.97
CA GLU B 19 24.14 -14.35 22.19
C GLU B 19 23.18 -15.15 23.06
N ASN B 20 23.46 -15.22 24.36
CA ASN B 20 22.61 -15.98 25.26
C ASN B 20 22.43 -15.34 26.63
N PRO B 21 21.21 -14.87 26.91
CA PRO B 21 20.06 -14.94 25.98
C PRO B 21 20.16 -13.84 24.93
N LEU B 22 19.46 -14.01 23.82
CA LEU B 22 19.48 -13.00 22.76
C LEU B 22 18.52 -11.85 23.08
N GLN B 23 19.05 -10.64 23.25
CA GLN B 23 18.18 -9.51 23.51
C GLN B 23 17.51 -9.08 22.21
N ILE B 24 16.18 -8.98 22.23
CA ILE B 24 15.44 -8.56 21.06
C ILE B 24 14.57 -7.36 21.47
N VAL B 25 14.95 -6.17 21.02
CA VAL B 25 14.23 -4.95 21.36
C VAL B 25 13.29 -4.51 20.24
N GLY B 26 12.15 -3.96 20.62
CA GLY B 26 11.21 -3.49 19.63
C GLY B 26 11.67 -2.17 19.03
N ALA B 27 11.38 -1.99 17.75
CA ALA B 27 11.71 -0.75 17.06
C ALA B 27 10.37 -0.35 16.45
N ILE B 28 9.85 0.78 16.89
CA ILE B 28 8.57 1.29 16.42
C ILE B 28 8.60 1.75 14.97
N ASN B 29 9.79 2.12 14.49
CA ASN B 29 9.94 2.56 13.10
C ASN B 29 11.39 2.39 12.62
N ALA B 30 11.62 2.68 11.35
CA ALA B 30 12.95 2.54 10.74
C ALA B 30 14.05 3.27 11.52
N ASN B 31 13.76 4.51 11.92
CA ASN B 31 14.73 5.30 12.66
C ASN B 31 15.20 4.61 13.95
N HIS B 32 14.26 4.08 14.72
CA HIS B 32 14.59 3.40 15.96
C HIS B 32 15.29 2.07 15.72
N ALA B 33 15.04 1.46 14.56
CA ALA B 33 15.69 0.21 14.23
C ALA B 33 17.19 0.53 14.12
N LEU B 34 17.48 1.67 13.50
CA LEU B 34 18.86 2.11 13.33
C LEU B 34 19.49 2.48 14.66
N LEU B 35 18.70 3.05 15.57
CA LEU B 35 19.24 3.41 16.88
C LEU B 35 19.57 2.13 17.66
N ALA B 36 18.70 1.13 17.54
CA ALA B 36 18.92 -0.13 18.24
C ALA B 36 20.21 -0.74 17.71
N GLN B 37 20.38 -0.67 16.40
CA GLN B 37 21.57 -1.20 15.75
C GLN B 37 22.83 -0.50 16.25
N ARG B 38 22.81 0.82 16.25
CA ARG B 38 23.97 1.58 16.71
C ARG B 38 24.26 1.28 18.19
N ALA B 39 23.22 0.91 18.94
CA ALA B 39 23.40 0.59 20.36
C ALA B 39 23.97 -0.82 20.54
N GLY B 40 24.09 -1.56 19.44
CA GLY B 40 24.66 -2.90 19.54
C GLY B 40 23.76 -4.12 19.53
N TYR B 41 22.44 -3.93 19.43
CA TYR B 41 21.55 -5.08 19.40
C TYR B 41 21.76 -5.89 18.12
N GLN B 42 21.54 -7.20 18.21
CA GLN B 42 21.73 -8.08 17.06
C GLN B 42 20.42 -8.52 16.44
N ALA B 43 19.31 -8.17 17.08
CA ALA B 43 18.00 -8.54 16.57
C ALA B 43 16.97 -7.56 17.12
N ILE B 44 15.98 -7.23 16.29
CA ILE B 44 14.94 -6.29 16.68
C ILE B 44 13.57 -6.91 16.50
N TYR B 45 12.55 -6.24 17.02
CA TYR B 45 11.19 -6.77 17.01
C TYR B 45 10.14 -5.75 16.54
N LEU B 46 9.13 -6.23 15.83
CA LEU B 46 8.04 -5.37 15.37
C LEU B 46 6.80 -5.75 16.19
N SER B 47 6.53 -4.96 17.22
CA SER B 47 5.39 -5.21 18.09
C SER B 47 4.05 -4.99 17.42
N GLY B 48 3.14 -5.95 17.60
CA GLY B 48 1.81 -5.84 17.03
C GLY B 48 1.05 -4.71 17.72
N GLY B 49 1.20 -4.64 19.04
CA GLY B 49 0.55 -3.58 19.78
C GLY B 49 1.18 -2.25 19.41
N GLY B 50 2.46 -2.31 19.02
CA GLY B 50 3.16 -1.10 18.61
C GLY B 50 2.66 -0.61 17.26
N VAL B 51 2.33 -1.52 16.36
CA VAL B 51 1.84 -1.12 15.05
C VAL B 51 0.50 -0.42 15.26
N ALA B 52 -0.28 -0.95 16.18
CA ALA B 52 -1.60 -0.38 16.46
C ALA B 52 -1.55 0.99 17.16
N ALA B 53 -0.89 1.04 18.30
CA ALA B 53 -0.82 2.26 19.08
C ALA B 53 0.09 3.34 18.49
N GLY B 54 1.21 2.93 17.90
CA GLY B 54 2.13 3.89 17.33
C GLY B 54 1.82 4.32 15.91
N SER B 55 1.84 3.36 14.99
CA SER B 55 1.58 3.64 13.59
C SER B 55 0.14 4.03 13.27
N LEU B 56 -0.83 3.45 13.97
CA LEU B 56 -2.23 3.75 13.70
C LEU B 56 -2.94 4.55 14.79
N GLY B 57 -2.27 4.73 15.93
CA GLY B 57 -2.87 5.47 17.02
C GLY B 57 -4.14 4.81 17.52
N LEU B 58 -4.18 3.49 17.44
CA LEU B 58 -5.34 2.71 17.87
C LEU B 58 -4.99 1.66 18.93
N PRO B 59 -5.99 1.23 19.72
CA PRO B 59 -5.74 0.21 20.74
C PRO B 59 -5.48 -1.16 20.11
N ASP B 60 -4.76 -2.00 20.84
CA ASP B 60 -4.42 -3.33 20.38
C ASP B 60 -5.62 -4.27 20.46
N LEU B 61 -6.69 -3.93 19.75
CA LEU B 61 -7.90 -4.74 19.80
C LEU B 61 -8.31 -5.32 18.45
N GLY B 62 -7.31 -5.68 17.64
CA GLY B 62 -7.60 -6.27 16.34
C GLY B 62 -8.14 -5.31 15.29
N ILE B 63 -7.69 -4.06 15.32
CA ILE B 63 -8.14 -3.07 14.36
C ILE B 63 -7.12 -2.89 13.23
N SER B 64 -5.85 -3.17 13.52
CA SER B 64 -4.81 -3.03 12.51
C SER B 64 -4.93 -4.19 11.54
N THR B 65 -4.46 -3.98 10.31
CA THR B 65 -4.52 -5.03 9.29
C THR B 65 -3.12 -5.51 8.95
N LEU B 66 -3.05 -6.62 8.21
CA LEU B 66 -1.78 -7.16 7.80
C LEU B 66 -0.99 -6.12 7.01
N ASP B 67 -1.70 -5.31 6.22
CA ASP B 67 -1.05 -4.30 5.41
C ASP B 67 -0.33 -3.25 6.23
N ASP B 68 -0.86 -2.92 7.40
CA ASP B 68 -0.21 -1.93 8.26
C ASP B 68 1.11 -2.52 8.73
N VAL B 69 1.07 -3.79 9.14
CA VAL B 69 2.26 -4.48 9.59
C VAL B 69 3.31 -4.58 8.46
N LEU B 70 2.88 -5.02 7.28
CA LEU B 70 3.80 -5.17 6.15
C LEU B 70 4.55 -3.87 5.83
N THR B 71 3.82 -2.75 5.82
CA THR B 71 4.43 -1.45 5.54
C THR B 71 5.58 -1.18 6.52
N ASP B 72 5.35 -1.47 7.80
CA ASP B 72 6.38 -1.24 8.81
C ASP B 72 7.58 -2.18 8.65
N ILE B 73 7.32 -3.41 8.22
CA ILE B 73 8.40 -4.37 8.00
C ILE B 73 9.31 -3.89 6.85
N ARG B 74 8.70 -3.46 5.75
CA ARG B 74 9.49 -2.99 4.61
C ARG B 74 10.30 -1.75 4.96
N ARG B 75 9.64 -0.78 5.59
CA ARG B 75 10.33 0.46 5.99
C ARG B 75 11.54 0.13 6.86
N ILE B 76 11.35 -0.72 7.85
CA ILE B 76 12.44 -1.09 8.74
C ILE B 76 13.54 -1.94 8.06
N THR B 77 13.14 -3.03 7.43
CA THR B 77 14.13 -3.91 6.80
C THR B 77 14.80 -3.38 5.54
N ASP B 78 14.21 -2.37 4.90
CA ASP B 78 14.83 -1.80 3.71
C ASP B 78 16.07 -1.01 4.11
N VAL B 79 16.08 -0.49 5.33
CA VAL B 79 17.23 0.31 5.75
C VAL B 79 18.08 -0.34 6.83
N CYS B 80 17.49 -1.23 7.63
CA CYS B 80 18.22 -1.90 8.71
C CYS B 80 18.34 -3.39 8.43
N PRO B 81 19.58 -3.90 8.37
CA PRO B 81 19.82 -5.33 8.10
C PRO B 81 19.64 -6.29 9.30
N LEU B 82 19.46 -5.76 10.51
CA LEU B 82 19.25 -6.61 11.67
C LEU B 82 18.02 -7.49 11.44
N PRO B 83 18.11 -8.79 11.81
CA PRO B 83 16.95 -9.67 11.60
C PRO B 83 15.77 -9.19 12.45
N LEU B 84 14.60 -9.12 11.83
CA LEU B 84 13.39 -8.66 12.51
C LEU B 84 12.38 -9.75 12.83
N LEU B 85 12.02 -9.86 14.10
CA LEU B 85 11.02 -10.83 14.53
C LEU B 85 9.70 -10.08 14.46
N VAL B 86 8.72 -10.66 13.78
CA VAL B 86 7.42 -10.03 13.61
C VAL B 86 6.24 -10.66 14.33
N ASP B 87 5.42 -9.80 14.93
CA ASP B 87 4.22 -10.23 15.63
C ASP B 87 3.12 -10.43 14.59
N ALA B 88 2.87 -11.67 14.17
CA ALA B 88 1.83 -11.93 13.18
C ALA B 88 0.46 -12.22 13.83
N ASP B 89 0.33 -11.93 15.12
CA ASP B 89 -0.93 -12.14 15.83
C ASP B 89 -1.44 -13.59 15.63
N ILE B 90 -2.61 -13.75 15.03
CA ILE B 90 -3.14 -15.08 14.80
C ILE B 90 -3.10 -15.47 13.32
N GLY B 91 -2.48 -14.63 12.49
CA GLY B 91 -2.37 -14.91 11.07
C GLY B 91 -3.22 -14.03 10.19
N PHE B 92 -3.86 -13.03 10.79
CA PHE B 92 -4.74 -12.10 10.07
C PHE B 92 -5.76 -12.81 9.18
N GLY B 93 -6.45 -13.76 9.78
CA GLY B 93 -7.46 -14.51 9.05
C GLY B 93 -7.92 -15.72 9.85
N SER B 94 -9.06 -16.27 9.48
CA SER B 94 -9.60 -17.42 10.18
C SER B 94 -9.15 -18.76 9.62
N SER B 95 -8.91 -18.81 8.31
CA SER B 95 -8.51 -20.07 7.67
C SER B 95 -7.01 -20.20 7.40
N ALA B 96 -6.60 -21.43 7.13
CA ALA B 96 -5.20 -21.73 6.84
C ALA B 96 -4.71 -20.91 5.63
N PHE B 97 -5.64 -20.55 4.75
CA PHE B 97 -5.30 -19.76 3.57
C PHE B 97 -4.80 -18.39 4.01
N ASN B 98 -5.45 -17.81 5.01
CA ASN B 98 -5.05 -16.50 5.51
C ASN B 98 -3.67 -16.61 6.15
N VAL B 99 -3.46 -17.67 6.93
CA VAL B 99 -2.18 -17.89 7.60
C VAL B 99 -1.04 -18.03 6.59
N ALA B 100 -1.29 -18.81 5.53
CA ALA B 100 -0.28 -19.01 4.49
C ALA B 100 0.06 -17.69 3.80
N ARG B 101 -0.96 -16.95 3.37
CA ARG B 101 -0.75 -15.67 2.73
C ARG B 101 -0.04 -14.70 3.65
N THR B 102 -0.44 -14.67 4.92
CA THR B 102 0.19 -13.79 5.89
C THR B 102 1.66 -14.13 6.08
N VAL B 103 1.96 -15.41 6.26
CA VAL B 103 3.34 -15.87 6.46
C VAL B 103 4.27 -15.59 5.28
N LYS B 104 3.80 -15.84 4.05
CA LYS B 104 4.63 -15.58 2.87
C LYS B 104 4.85 -14.08 2.68
N SER B 105 3.78 -13.30 2.83
CA SER B 105 3.87 -11.85 2.70
C SER B 105 4.87 -11.27 3.69
N ILE B 106 4.77 -11.68 4.95
CA ILE B 106 5.68 -11.19 5.98
C ILE B 106 7.13 -11.52 5.66
N ALA B 107 7.39 -12.73 5.18
CA ALA B 107 8.76 -13.13 4.84
C ALA B 107 9.23 -12.28 3.67
N LYS B 108 8.37 -12.18 2.66
CA LYS B 108 8.69 -11.42 1.47
C LYS B 108 8.99 -9.96 1.80
N ALA B 109 8.25 -9.40 2.76
CA ALA B 109 8.46 -8.02 3.16
C ALA B 109 9.83 -7.79 3.81
N GLY B 110 10.50 -8.88 4.20
CA GLY B 110 11.82 -8.73 4.79
C GLY B 110 12.05 -9.27 6.19
N ALA B 111 10.99 -9.80 6.81
CA ALA B 111 11.10 -10.33 8.17
C ALA B 111 12.00 -11.56 8.23
N ALA B 112 12.61 -11.77 9.40
CA ALA B 112 13.50 -12.93 9.62
C ALA B 112 12.77 -14.04 10.38
N ALA B 113 11.73 -13.65 11.10
CA ALA B 113 10.96 -14.61 11.88
C ALA B 113 9.65 -13.99 12.32
N LEU B 114 8.69 -14.82 12.71
CA LEU B 114 7.42 -14.32 13.19
C LEU B 114 6.86 -15.26 14.26
N HIS B 115 5.94 -14.75 15.07
CA HIS B 115 5.31 -15.60 16.05
C HIS B 115 3.81 -15.51 15.83
N ILE B 116 3.14 -16.65 15.96
CA ILE B 116 1.71 -16.73 15.79
C ILE B 116 1.20 -17.33 17.10
N GLU B 117 0.04 -16.87 17.57
CA GLU B 117 -0.51 -17.31 18.86
C GLU B 117 -1.81 -18.09 18.80
N ASP B 118 -2.16 -18.69 19.95
CA ASP B 118 -3.37 -19.50 20.04
C ASP B 118 -4.64 -18.77 20.49
N GLN B 119 -4.56 -17.44 20.59
CA GLN B 119 -5.72 -16.64 20.97
C GLN B 119 -6.85 -16.84 19.96
N VAL B 120 -8.07 -16.51 20.39
CA VAL B 120 -9.24 -16.63 19.54
C VAL B 120 -9.43 -15.34 18.74
N ALA B 132 -9.90 -16.23 26.20
CA ALA B 132 -10.20 -17.48 25.49
C ALA B 132 -9.12 -17.78 24.47
N ILE B 133 -8.82 -19.05 24.32
CA ILE B 133 -7.81 -19.49 23.36
C ILE B 133 -8.42 -20.65 22.59
N VAL B 134 -7.95 -20.87 21.36
CA VAL B 134 -8.44 -21.96 20.55
C VAL B 134 -7.93 -23.27 21.13
N SER B 135 -8.55 -24.36 20.72
CA SER B 135 -8.15 -25.68 21.20
C SER B 135 -6.74 -25.99 20.73
N LYS B 136 -6.10 -26.96 21.39
CA LYS B 136 -4.76 -27.37 21.04
C LYS B 136 -4.74 -27.73 19.54
N GLU B 137 -5.74 -28.47 19.12
CA GLU B 137 -5.88 -28.91 17.73
C GLU B 137 -5.94 -27.76 16.74
N GLU B 138 -6.70 -26.73 17.07
CA GLU B 138 -6.82 -25.57 16.18
C GLU B 138 -5.48 -24.89 16.01
N MET B 139 -4.75 -24.71 17.11
CA MET B 139 -3.44 -24.08 17.03
C MET B 139 -2.48 -24.95 16.24
N VAL B 140 -2.55 -26.27 16.45
CA VAL B 140 -1.69 -27.19 15.70
C VAL B 140 -1.90 -27.01 14.21
N ASP B 141 -3.13 -26.69 13.81
CA ASP B 141 -3.44 -26.47 12.39
C ASP B 141 -2.88 -25.14 11.89
N ARG B 142 -2.93 -24.10 12.72
CA ARG B 142 -2.40 -22.79 12.32
C ARG B 142 -0.89 -22.92 12.09
N ILE B 143 -0.23 -23.61 13.02
CA ILE B 143 1.22 -23.82 12.95
C ILE B 143 1.59 -24.63 11.72
N ARG B 144 0.84 -25.70 11.47
CA ARG B 144 1.12 -26.54 10.30
C ARG B 144 0.98 -25.73 9.02
N ALA B 145 -0.05 -24.88 8.95
CA ALA B 145 -0.25 -24.04 7.76
C ALA B 145 0.92 -23.06 7.62
N ALA B 146 1.33 -22.47 8.74
CA ALA B 146 2.44 -21.51 8.72
C ALA B 146 3.72 -22.21 8.29
N VAL B 147 3.96 -23.40 8.83
CA VAL B 147 5.15 -24.17 8.50
C VAL B 147 5.14 -24.61 7.04
N ASP B 148 3.98 -24.99 6.54
CA ASP B 148 3.88 -25.41 5.15
C ASP B 148 4.03 -24.23 4.19
N ALA B 149 3.57 -23.06 4.62
CA ALA B 149 3.66 -21.87 3.78
C ALA B 149 5.08 -21.35 3.67
N ARG B 150 5.88 -21.57 4.70
CA ARG B 150 7.27 -21.13 4.72
C ARG B 150 8.06 -21.70 3.55
N THR B 151 8.85 -20.86 2.88
CA THR B 151 9.64 -21.34 1.75
C THR B 151 11.11 -21.52 2.11
N ASP B 152 11.59 -20.80 3.11
CA ASP B 152 12.97 -20.91 3.57
C ASP B 152 12.95 -21.45 5.00
N PRO B 153 13.43 -22.69 5.20
CA PRO B 153 13.47 -23.33 6.52
C PRO B 153 14.18 -22.52 7.61
N ASN B 154 15.07 -21.62 7.22
CA ASN B 154 15.76 -20.81 8.21
C ASN B 154 14.82 -19.77 8.80
N PHE B 155 13.76 -19.43 8.06
CA PHE B 155 12.77 -18.47 8.53
C PHE B 155 12.08 -19.12 9.73
N VAL B 156 12.15 -18.46 10.89
CA VAL B 156 11.59 -18.97 12.12
C VAL B 156 10.09 -18.80 12.34
N ILE B 157 9.44 -19.88 12.75
CA ILE B 157 8.02 -19.85 13.07
C ILE B 157 7.92 -20.08 14.58
N MET B 158 7.61 -19.02 15.32
CA MET B 158 7.51 -19.08 16.77
C MET B 158 6.03 -19.24 17.19
N ALA B 159 5.77 -20.13 18.13
CA ALA B 159 4.40 -20.32 18.61
C ALA B 159 4.26 -19.62 19.96
N ARG B 160 3.29 -18.73 20.04
CA ARG B 160 3.03 -17.97 21.26
C ARG B 160 1.80 -18.55 21.94
N THR B 161 1.83 -18.70 23.26
CA THR B 161 0.69 -19.25 23.96
C THR B 161 0.43 -18.59 25.31
N ASP B 162 -0.85 -18.37 25.61
CA ASP B 162 -1.25 -17.76 26.88
C ASP B 162 -2.03 -18.81 27.66
N ALA B 163 -1.83 -20.08 27.32
CA ALA B 163 -2.52 -21.18 27.97
C ALA B 163 -2.21 -21.29 29.46
N LEU B 164 -1.00 -20.91 29.86
CA LEU B 164 -0.64 -20.98 31.28
C LEU B 164 -1.69 -20.23 32.09
N ALA B 165 -1.88 -18.95 31.77
CA ALA B 165 -2.84 -18.12 32.49
C ALA B 165 -4.30 -18.49 32.24
N VAL B 166 -4.64 -18.89 31.02
CA VAL B 166 -6.02 -19.24 30.71
C VAL B 166 -6.43 -20.66 31.06
N GLU B 167 -5.53 -21.63 30.94
CA GLU B 167 -5.87 -23.00 31.24
C GLU B 167 -5.05 -23.68 32.34
N GLY B 168 -3.86 -23.19 32.62
CA GLY B 168 -3.04 -23.81 33.67
C GLY B 168 -1.80 -24.52 33.18
N LEU B 169 -0.92 -24.85 34.12
CA LEU B 169 0.36 -25.50 33.83
C LEU B 169 0.28 -26.71 32.91
N GLU B 170 -0.55 -27.69 33.28
CA GLU B 170 -0.70 -28.91 32.49
C GLU B 170 -1.06 -28.63 31.05
N ALA B 171 -2.12 -27.84 30.85
CA ALA B 171 -2.56 -27.52 29.49
C ALA B 171 -1.46 -26.79 28.73
N ALA B 172 -0.76 -25.88 29.40
CA ALA B 172 0.30 -25.12 28.77
C ALA B 172 1.44 -26.03 28.30
N LEU B 173 1.88 -26.94 29.15
CA LEU B 173 2.97 -27.83 28.76
C LEU B 173 2.51 -28.83 27.70
N ASP B 174 1.24 -29.22 27.77
CA ASP B 174 0.70 -30.17 26.81
C ASP B 174 0.63 -29.49 25.45
N ARG B 175 0.15 -28.25 25.43
CA ARG B 175 0.07 -27.50 24.18
C ARG B 175 1.49 -27.26 23.62
N ALA B 176 2.41 -26.87 24.49
CA ALA B 176 3.78 -26.61 24.07
C ALA B 176 4.35 -27.76 23.25
N GLN B 177 4.28 -28.97 23.80
CA GLN B 177 4.79 -30.15 23.11
C GLN B 177 4.08 -30.35 21.78
N ALA B 178 2.75 -30.18 21.77
CA ALA B 178 1.99 -30.35 20.54
C ALA B 178 2.42 -29.33 19.50
N TYR B 179 2.71 -28.10 19.95
CA TYR B 179 3.12 -27.03 19.05
C TYR B 179 4.47 -27.33 18.40
N VAL B 180 5.38 -27.88 19.19
CA VAL B 180 6.69 -28.23 18.69
C VAL B 180 6.55 -29.38 17.69
N ASP B 181 5.75 -30.39 18.04
CA ASP B 181 5.53 -31.52 17.15
C ASP B 181 4.93 -31.02 15.83
N ALA B 182 4.15 -29.95 15.91
CA ALA B 182 3.51 -29.38 14.72
C ALA B 182 4.49 -28.60 13.83
N GLY B 183 5.70 -28.36 14.31
CA GLY B 183 6.67 -27.63 13.49
C GLY B 183 7.19 -26.30 14.04
N ALA B 184 6.66 -25.83 15.16
CA ALA B 184 7.13 -24.56 15.72
C ALA B 184 8.61 -24.68 16.05
N ASP B 185 9.39 -23.73 15.57
CA ASP B 185 10.84 -23.71 15.80
C ASP B 185 11.19 -23.25 17.22
N MET B 186 10.37 -22.36 17.77
CA MET B 186 10.60 -21.80 19.10
C MET B 186 9.29 -21.54 19.79
N LEU B 187 9.33 -21.40 21.11
CA LEU B 187 8.13 -21.18 21.90
C LEU B 187 8.15 -19.84 22.65
N PHE B 188 6.99 -19.19 22.67
CA PHE B 188 6.77 -17.89 23.34
C PHE B 188 5.64 -18.08 24.35
N PRO B 189 5.95 -18.60 25.55
CA PRO B 189 4.97 -18.84 26.62
C PRO B 189 4.75 -17.60 27.50
N GLU B 190 3.52 -17.13 27.57
CA GLU B 190 3.17 -15.95 28.35
C GLU B 190 2.84 -16.19 29.83
N ALA B 191 2.91 -15.11 30.61
CA ALA B 191 2.56 -15.10 32.02
C ALA B 191 3.43 -15.86 33.03
N ILE B 192 4.64 -16.23 32.67
CA ILE B 192 5.50 -16.95 33.61
C ILE B 192 6.10 -15.95 34.60
N THR B 193 5.99 -16.25 35.89
CA THR B 193 6.55 -15.34 36.89
C THR B 193 7.73 -15.90 37.65
N GLU B 194 8.12 -17.14 37.37
CA GLU B 194 9.27 -17.74 38.02
C GLU B 194 10.31 -18.30 37.06
N LEU B 195 11.57 -17.99 37.33
CA LEU B 195 12.66 -18.47 36.51
C LEU B 195 12.58 -19.98 36.46
N SER B 196 12.23 -20.58 37.58
CA SER B 196 12.14 -22.03 37.68
C SER B 196 11.10 -22.61 36.72
N MET B 197 10.01 -21.88 36.48
CA MET B 197 9.00 -22.40 35.57
C MET B 197 9.49 -22.31 34.11
N TYR B 198 10.30 -21.30 33.81
CA TYR B 198 10.86 -21.16 32.48
C TYR B 198 11.70 -22.39 32.16
N ARG B 199 12.49 -22.84 33.14
CA ARG B 199 13.33 -24.02 32.97
C ARG B 199 12.47 -25.22 32.61
N ARG B 200 11.31 -25.33 33.26
CA ARG B 200 10.39 -26.44 33.00
C ARG B 200 9.92 -26.43 31.53
N PHE B 201 9.59 -25.25 31.01
CA PHE B 201 9.14 -25.14 29.62
C PHE B 201 10.27 -25.47 28.67
N ALA B 202 11.46 -24.97 28.97
CA ALA B 202 12.60 -25.28 28.12
C ALA B 202 12.81 -26.78 28.07
N ASP B 203 12.72 -27.45 29.21
CA ASP B 203 12.92 -28.89 29.28
C ASP B 203 11.84 -29.75 28.61
N VAL B 204 10.58 -29.32 28.71
CA VAL B 204 9.49 -30.05 28.10
C VAL B 204 9.43 -29.78 26.59
N ALA B 205 9.47 -28.50 26.19
CA ALA B 205 9.41 -28.13 24.77
C ALA B 205 10.63 -28.50 23.95
N GLN B 206 11.80 -28.39 24.55
CA GLN B 206 13.06 -28.72 23.87
C GLN B 206 13.38 -27.84 22.66
N VAL B 207 12.91 -26.59 22.67
CA VAL B 207 13.21 -25.63 21.60
C VAL B 207 13.49 -24.30 22.30
N PRO B 208 14.18 -23.38 21.62
CA PRO B 208 14.49 -22.08 22.23
C PRO B 208 13.23 -21.43 22.82
N ILE B 209 13.35 -20.93 24.05
CA ILE B 209 12.23 -20.29 24.72
C ILE B 209 12.41 -18.78 24.75
N LEU B 210 11.35 -18.04 24.46
CA LEU B 210 11.42 -16.59 24.50
C LEU B 210 10.68 -16.08 25.74
N ALA B 211 11.31 -15.16 26.45
CA ALA B 211 10.70 -14.58 27.64
C ALA B 211 10.38 -13.12 27.34
N ASN B 212 9.12 -12.76 27.50
CA ASN B 212 8.65 -11.40 27.26
C ASN B 212 8.87 -10.56 28.53
N ILE B 213 9.82 -9.64 28.46
CA ILE B 213 10.16 -8.79 29.61
C ILE B 213 9.54 -7.39 29.47
N THR B 214 8.29 -7.31 29.01
CA THR B 214 7.65 -6.01 28.85
C THR B 214 7.37 -5.37 30.21
N GLU B 215 7.20 -4.06 30.22
CA GLU B 215 6.94 -3.34 31.47
C GLU B 215 5.46 -3.24 31.83
N PHE B 216 5.21 -2.82 33.07
CA PHE B 216 3.85 -2.61 33.58
C PHE B 216 2.87 -3.77 33.39
N GLY B 217 3.40 -4.98 33.47
CA GLY B 217 2.58 -6.17 33.35
C GLY B 217 2.70 -6.91 34.68
N ALA B 218 2.30 -8.17 34.71
CA ALA B 218 2.39 -8.93 35.95
C ALA B 218 3.72 -9.66 36.06
N THR B 219 4.50 -9.62 34.98
CA THR B 219 5.79 -10.30 34.97
C THR B 219 6.95 -9.44 35.45
N PRO B 220 7.91 -10.06 36.16
CA PRO B 220 9.09 -9.40 36.72
C PRO B 220 10.07 -8.89 35.65
N LEU B 221 10.85 -7.88 36.00
CA LEU B 221 11.84 -7.36 35.09
C LEU B 221 13.11 -8.19 35.25
N PHE B 222 13.10 -9.40 34.71
CA PHE B 222 14.25 -10.29 34.80
C PHE B 222 15.48 -9.78 34.03
N THR B 223 16.66 -9.92 34.64
CA THR B 223 17.91 -9.49 34.01
C THR B 223 18.32 -10.60 33.04
N THR B 224 19.30 -10.34 32.18
CA THR B 224 19.74 -11.37 31.24
C THR B 224 20.49 -12.49 31.94
N ASP B 225 21.14 -12.20 33.06
CA ASP B 225 21.84 -13.24 33.81
C ASP B 225 20.80 -14.17 34.45
N GLU B 226 19.71 -13.59 34.96
CA GLU B 226 18.66 -14.39 35.57
C GLU B 226 18.03 -15.29 34.50
N LEU B 227 17.63 -14.69 33.38
CA LEU B 227 17.02 -15.46 32.29
C LEU B 227 17.96 -16.58 31.83
N ARG B 228 19.26 -16.31 31.84
CA ARG B 228 20.23 -17.31 31.42
C ARG B 228 20.18 -18.51 32.38
N SER B 229 20.01 -18.24 33.67
CA SER B 229 19.97 -19.31 34.66
C SER B 229 18.68 -20.11 34.52
N ALA B 230 17.67 -19.49 33.91
CA ALA B 230 16.38 -20.16 33.73
C ALA B 230 16.34 -20.85 32.37
N HIS B 231 17.48 -20.89 31.69
CA HIS B 231 17.57 -21.53 30.38
C HIS B 231 16.74 -20.84 29.32
N VAL B 232 16.53 -19.53 29.48
CA VAL B 232 15.77 -18.77 28.51
C VAL B 232 16.71 -18.35 27.37
N ALA B 233 16.29 -18.62 26.13
CA ALA B 233 17.10 -18.31 24.95
C ALA B 233 16.96 -16.90 24.40
N MET B 234 15.80 -16.29 24.61
CA MET B 234 15.56 -14.94 24.10
C MET B 234 14.86 -14.04 25.12
N ALA B 235 15.26 -12.78 25.16
CA ALA B 235 14.65 -11.79 26.05
C ALA B 235 14.02 -10.74 25.13
N LEU B 236 12.71 -10.54 25.27
CA LEU B 236 11.99 -9.58 24.44
C LEU B 236 11.58 -8.31 25.20
N TYR B 237 11.81 -7.16 24.57
CA TYR B 237 11.46 -5.86 25.16
C TYR B 237 10.66 -5.21 24.04
N PRO B 238 9.37 -5.58 23.93
CA PRO B 238 8.45 -5.09 22.91
C PRO B 238 8.18 -3.60 22.66
N LEU B 239 8.05 -2.79 23.71
CA LEU B 239 7.72 -1.37 23.52
C LEU B 239 8.54 -0.42 24.38
N SER B 240 9.56 -0.95 25.04
CA SER B 240 10.41 -0.18 25.94
C SER B 240 10.83 1.19 25.42
N ALA B 241 11.43 1.24 24.22
CA ALA B 241 11.85 2.53 23.66
C ALA B 241 10.62 3.37 23.34
N PHE B 242 9.60 2.75 22.76
CA PHE B 242 8.36 3.44 22.40
C PHE B 242 7.78 4.18 23.61
N ARG B 243 7.74 3.52 24.77
CA ARG B 243 7.18 4.13 25.97
C ARG B 243 7.90 5.41 26.36
N ALA B 244 9.23 5.36 26.35
CA ALA B 244 10.02 6.53 26.71
C ALA B 244 9.86 7.63 25.67
N MET B 245 9.77 7.26 24.39
CA MET B 245 9.62 8.27 23.34
C MET B 245 8.29 9.02 23.46
N ASN B 246 7.23 8.34 23.86
CA ASN B 246 5.93 9.00 24.00
C ASN B 246 5.92 10.03 25.15
N ARG B 247 6.54 9.67 26.26
CA ARG B 247 6.62 10.58 27.41
C ARG B 247 7.39 11.85 27.00
N ALA B 248 8.53 11.66 26.35
CA ALA B 248 9.35 12.80 25.93
C ALA B 248 8.56 13.67 24.95
N ALA B 249 7.97 13.03 23.95
CA ALA B 249 7.20 13.76 22.96
C ALA B 249 6.08 14.56 23.63
N GLU B 250 5.38 13.94 24.57
CA GLU B 250 4.29 14.66 25.23
C GLU B 250 4.83 15.85 26.01
N LYS B 251 6.00 15.66 26.61
CA LYS B 251 6.63 16.71 27.38
C LYS B 251 6.86 17.93 26.48
N VAL B 252 7.39 17.70 25.29
CA VAL B 252 7.63 18.79 24.35
C VAL B 252 6.31 19.47 24.00
N TYR B 253 5.31 18.67 23.63
CA TYR B 253 4.01 19.23 23.29
C TYR B 253 3.41 20.12 24.39
N THR B 254 3.40 19.63 25.63
CA THR B 254 2.82 20.40 26.72
C THR B 254 3.59 21.67 27.06
N VAL B 255 4.91 21.59 27.16
CA VAL B 255 5.70 22.78 27.47
C VAL B 255 5.56 23.84 26.37
N LEU B 256 5.64 23.40 25.11
CA LEU B 256 5.51 24.32 23.98
C LEU B 256 4.14 24.98 23.99
N ARG B 257 3.11 24.22 24.35
CA ARG B 257 1.77 24.79 24.36
C ARG B 257 1.60 25.77 25.52
N GLN B 258 2.15 25.43 26.68
CA GLN B 258 2.02 26.27 27.86
C GLN B 258 2.92 27.50 27.86
N GLU B 259 4.11 27.39 27.29
CA GLU B 259 5.04 28.52 27.28
C GLU B 259 5.09 29.33 25.99
N GLY B 260 4.53 28.81 24.91
CA GLY B 260 4.55 29.53 23.64
C GLY B 260 5.90 29.51 22.94
N THR B 261 6.74 28.55 23.32
CA THR B 261 8.08 28.39 22.75
C THR B 261 8.67 27.10 23.28
N GLN B 262 9.60 26.49 22.55
CA GLN B 262 10.20 25.24 23.00
C GLN B 262 11.59 25.44 23.61
N LYS B 263 11.92 26.68 23.95
CA LYS B 263 13.22 27.00 24.54
C LYS B 263 13.60 26.10 25.71
N ASN B 264 12.64 25.81 26.57
CA ASN B 264 12.92 24.99 27.75
C ASN B 264 12.95 23.47 27.61
N VAL B 265 12.75 22.96 26.41
CA VAL B 265 12.82 21.51 26.22
C VAL B 265 13.88 21.19 25.20
N ILE B 266 14.66 22.20 24.85
CA ILE B 266 15.76 22.06 23.90
C ILE B 266 16.78 21.06 24.44
N ASP B 267 17.01 21.10 25.74
CA ASP B 267 17.97 20.21 26.40
C ASP B 267 17.61 18.73 26.45
N ILE B 268 16.39 18.36 26.04
CA ILE B 268 16.02 16.95 26.02
C ILE B 268 15.85 16.48 24.58
N MET B 269 16.23 17.34 23.65
CA MET B 269 16.11 17.02 22.23
C MET B 269 17.38 16.45 21.62
N GLN B 270 17.19 15.49 20.72
CA GLN B 270 18.30 14.89 19.99
C GLN B 270 18.74 16.02 19.07
N THR B 271 20.04 16.29 19.02
CA THR B 271 20.53 17.37 18.16
C THR B 271 20.46 16.99 16.70
N ARG B 272 20.63 17.99 15.84
CA ARG B 272 20.60 17.80 14.41
C ARG B 272 21.75 16.87 13.98
N ASN B 273 22.90 17.03 14.62
CA ASN B 273 24.06 16.21 14.30
C ASN B 273 23.88 14.76 14.74
N GLU B 274 23.29 14.56 15.91
CA GLU B 274 23.05 13.20 16.39
C GLU B 274 22.08 12.54 15.42
N LEU B 275 21.08 13.29 14.97
CA LEU B 275 20.10 12.75 14.02
C LEU B 275 20.77 12.40 12.70
N TYR B 276 21.51 13.36 12.14
CA TYR B 276 22.21 13.15 10.87
C TYR B 276 23.14 11.93 10.96
N GLU B 277 23.84 11.82 12.08
CA GLU B 277 24.75 10.71 12.31
C GLU B 277 24.01 9.36 12.29
N SER B 278 22.87 9.30 12.97
CA SER B 278 22.13 8.04 13.05
C SER B 278 21.56 7.58 11.72
N ILE B 279 21.21 8.52 10.84
CA ILE B 279 20.66 8.15 9.55
C ILE B 279 21.71 8.22 8.43
N ASN B 280 22.98 8.34 8.82
CA ASN B 280 24.09 8.41 7.87
C ASN B 280 23.93 9.50 6.83
N TYR B 281 23.45 10.67 7.27
CA TYR B 281 23.24 11.79 6.38
C TYR B 281 24.50 12.11 5.58
N TYR B 282 25.56 12.51 6.27
CA TYR B 282 26.82 12.87 5.66
C TYR B 282 27.30 11.86 4.60
N GLN B 283 27.17 10.57 4.89
CA GLN B 283 27.56 9.55 3.94
C GLN B 283 26.88 9.76 2.58
N PHE B 284 25.55 9.90 2.61
CA PHE B 284 24.79 10.12 1.38
C PHE B 284 25.25 11.41 0.71
N GLU B 285 25.49 12.42 1.53
CA GLU B 285 25.93 13.73 1.04
C GLU B 285 27.30 13.64 0.37
N HIS C 6 16.18 -21.76 -5.96
CA HIS C 6 14.76 -21.30 -5.88
C HIS C 6 14.64 -19.85 -6.34
N SER C 7 15.74 -19.10 -6.21
CA SER C 7 15.79 -17.70 -6.59
C SER C 7 15.08 -17.37 -7.91
N PRO C 8 14.29 -16.29 -7.92
CA PRO C 8 13.59 -15.94 -9.16
C PRO C 8 14.58 -15.61 -10.28
N GLY C 9 15.68 -14.98 -9.92
CA GLY C 9 16.69 -14.65 -10.91
C GLY C 9 17.29 -15.91 -11.52
N GLN C 10 17.43 -16.94 -10.70
CA GLN C 10 17.99 -18.20 -11.16
C GLN C 10 16.95 -18.86 -12.07
N ALA C 11 15.69 -18.68 -11.71
CA ALA C 11 14.60 -19.25 -12.50
C ALA C 11 14.56 -18.59 -13.87
N PHE C 12 14.78 -17.29 -13.92
CA PHE C 12 14.77 -16.55 -15.19
C PHE C 12 15.89 -17.10 -16.07
N ARG C 13 17.10 -17.13 -15.52
CA ARG C 13 18.26 -17.64 -16.24
C ARG C 13 18.06 -19.09 -16.65
N ALA C 14 17.44 -19.89 -15.78
CA ALA C 14 17.20 -21.29 -16.11
C ALA C 14 16.17 -21.40 -17.24
N ALA C 15 15.25 -20.44 -17.30
CA ALA C 15 14.22 -20.44 -18.33
C ALA C 15 14.90 -20.19 -19.68
N LEU C 16 15.85 -19.26 -19.68
CA LEU C 16 16.58 -18.93 -20.89
C LEU C 16 17.36 -20.11 -21.45
N ALA C 17 18.06 -20.82 -20.57
CA ALA C 17 18.85 -21.97 -20.97
C ALA C 17 17.98 -23.10 -21.50
N LYS C 18 16.73 -23.17 -21.05
CA LYS C 18 15.84 -24.24 -21.49
C LYS C 18 14.98 -23.90 -22.70
N GLU C 19 14.85 -22.61 -23.03
CA GLU C 19 14.04 -22.20 -24.18
C GLU C 19 14.76 -21.09 -24.95
N ASN C 20 15.04 -21.35 -26.22
CA ASN C 20 15.75 -20.39 -27.06
C ASN C 20 15.13 -20.32 -28.45
N PRO C 21 14.52 -19.16 -28.79
CA PRO C 21 14.40 -17.98 -27.93
C PRO C 21 13.34 -18.22 -26.85
N LEU C 22 13.51 -17.60 -25.69
CA LEU C 22 12.56 -17.75 -24.60
C LEU C 22 11.39 -16.78 -24.77
N GLN C 23 10.19 -17.32 -24.89
CA GLN C 23 9.01 -16.47 -25.02
C GLN C 23 8.63 -15.87 -23.67
N ILE C 24 8.61 -14.55 -23.60
CA ILE C 24 8.25 -13.84 -22.37
C ILE C 24 7.02 -13.00 -22.67
N VAL C 25 5.87 -13.44 -22.17
CA VAL C 25 4.62 -12.71 -22.39
C VAL C 25 4.24 -11.81 -21.23
N GLY C 26 3.59 -10.71 -21.55
CA GLY C 26 3.17 -9.78 -20.53
C GLY C 26 1.88 -10.28 -19.90
N ALA C 27 1.75 -10.04 -18.60
CA ALA C 27 0.55 -10.42 -17.87
C ALA C 27 0.17 -9.11 -17.21
N ILE C 28 -1.03 -8.63 -17.51
CA ILE C 28 -1.50 -7.36 -16.98
C ILE C 28 -1.83 -7.46 -15.50
N ASN C 29 -2.11 -8.68 -15.04
CA ASN C 29 -2.43 -8.91 -13.64
C ASN C 29 -2.14 -10.36 -13.22
N ALA C 30 -2.37 -10.67 -11.94
CA ALA C 30 -2.09 -12.00 -11.40
C ALA C 30 -2.82 -13.11 -12.12
N ASN C 31 -4.09 -12.86 -12.44
CA ASN C 31 -4.91 -13.83 -13.13
C ASN C 31 -4.27 -14.22 -14.47
N HIS C 32 -3.92 -13.23 -15.29
CA HIS C 32 -3.33 -13.52 -16.59
C HIS C 32 -1.97 -14.20 -16.48
N ALA C 33 -1.25 -13.91 -15.40
CA ALA C 33 0.04 -14.55 -15.18
C ALA C 33 -0.23 -16.05 -15.03
N LEU C 34 -1.25 -16.39 -14.25
CA LEU C 34 -1.59 -17.79 -14.03
C LEU C 34 -2.04 -18.41 -15.36
N LEU C 35 -2.73 -17.63 -16.18
CA LEU C 35 -3.16 -18.13 -17.49
C LEU C 35 -1.92 -18.41 -18.35
N ALA C 36 -0.97 -17.47 -18.35
CA ALA C 36 0.25 -17.64 -19.13
C ALA C 36 0.97 -18.91 -18.68
N GLN C 37 1.06 -19.08 -17.36
CA GLN C 37 1.72 -20.25 -16.79
C GLN C 37 1.03 -21.52 -17.28
N ARG C 38 -0.30 -21.55 -17.23
CA ARG C 38 -1.06 -22.70 -17.69
C ARG C 38 -0.87 -22.92 -19.18
N ALA C 39 -0.61 -21.85 -19.93
CA ALA C 39 -0.40 -21.95 -21.37
C ALA C 39 0.98 -22.55 -21.70
N GLY C 40 1.78 -22.79 -20.65
CA GLY C 40 3.10 -23.36 -20.84
C GLY C 40 4.28 -22.42 -20.87
N TYR C 41 4.06 -21.12 -20.68
CA TYR C 41 5.18 -20.16 -20.69
C TYR C 41 6.13 -20.35 -19.52
N GLN C 42 7.40 -20.04 -19.75
CA GLN C 42 8.43 -20.22 -18.72
C GLN C 42 8.80 -18.92 -18.01
N ALA C 43 8.39 -17.80 -18.57
CA ALA C 43 8.69 -16.50 -17.98
C ALA C 43 7.61 -15.50 -18.38
N ILE C 44 7.36 -14.53 -17.52
CA ILE C 44 6.35 -13.51 -17.80
C ILE C 44 6.91 -12.09 -17.69
N TYR C 45 6.10 -11.11 -18.08
CA TYR C 45 6.54 -9.73 -18.09
C TYR C 45 5.53 -8.76 -17.51
N LEU C 46 6.05 -7.70 -16.88
CA LEU C 46 5.20 -6.65 -16.33
C LEU C 46 5.49 -5.38 -17.14
N SER C 47 4.58 -5.06 -18.04
CA SER C 47 4.71 -3.89 -18.89
C SER C 47 4.40 -2.58 -18.17
N GLY C 48 5.32 -1.61 -18.29
CA GLY C 48 5.12 -0.33 -17.67
C GLY C 48 3.95 0.37 -18.35
N GLY C 49 3.84 0.20 -19.65
CA GLY C 49 2.74 0.81 -20.38
C GLY C 49 1.45 0.17 -19.91
N GLY C 50 1.52 -1.09 -19.51
CA GLY C 50 0.36 -1.81 -19.04
C GLY C 50 -0.07 -1.35 -17.66
N VAL C 51 0.90 -1.07 -16.80
CA VAL C 51 0.58 -0.59 -15.46
C VAL C 51 -0.16 0.71 -15.59
N ALA C 52 0.39 1.59 -16.42
CA ALA C 52 -0.19 2.90 -16.67
C ALA C 52 -1.60 2.80 -17.26
N ALA C 53 -1.71 2.19 -18.44
CA ALA C 53 -2.99 2.07 -19.13
C ALA C 53 -3.94 1.05 -18.54
N GLY C 54 -3.41 -0.07 -18.06
CA GLY C 54 -4.26 -1.10 -17.48
C GLY C 54 -4.64 -0.82 -16.03
N SER C 55 -3.66 -0.87 -15.14
CA SER C 55 -3.91 -0.65 -13.72
C SER C 55 -4.37 0.76 -13.37
N LEU C 56 -3.87 1.78 -14.09
CA LEU C 56 -4.25 3.16 -13.80
C LEU C 56 -5.17 3.80 -14.85
N GLY C 57 -5.27 3.19 -16.03
CA GLY C 57 -6.11 3.75 -17.07
C GLY C 57 -5.57 5.09 -17.53
N LEU C 58 -4.25 5.23 -17.45
CA LEU C 58 -3.56 6.46 -17.83
C LEU C 58 -2.61 6.21 -18.99
N PRO C 59 -2.26 7.28 -19.73
CA PRO C 59 -1.33 7.11 -20.86
C PRO C 59 0.08 6.87 -20.34
N ASP C 60 0.89 6.18 -21.14
CA ASP C 60 2.27 5.86 -20.77
C ASP C 60 3.17 7.09 -20.88
N LEU C 61 2.90 8.09 -20.05
CA LEU C 61 3.66 9.34 -20.07
C LEU C 61 4.33 9.67 -18.72
N GLY C 62 4.89 8.67 -18.06
CA GLY C 62 5.56 8.89 -16.79
C GLY C 62 4.68 9.40 -15.67
N ILE C 63 3.43 8.93 -15.64
CA ILE C 63 2.48 9.34 -14.60
C ILE C 63 2.46 8.30 -13.49
N SER C 64 2.60 7.03 -13.85
CA SER C 64 2.61 5.96 -12.86
C SER C 64 3.85 6.08 -12.00
N THR C 65 3.74 5.67 -10.74
CA THR C 65 4.87 5.74 -9.82
C THR C 65 5.41 4.35 -9.57
N LEU C 66 6.56 4.28 -8.90
CA LEU C 66 7.17 3.02 -8.57
C LEU C 66 6.18 2.16 -7.77
N ASP C 67 5.45 2.80 -6.86
CA ASP C 67 4.48 2.09 -6.02
C ASP C 67 3.39 1.35 -6.82
N ASP C 68 2.88 1.98 -7.89
CA ASP C 68 1.88 1.34 -8.73
C ASP C 68 2.47 0.02 -9.24
N VAL C 69 3.72 0.09 -9.68
CA VAL C 69 4.42 -1.06 -10.22
C VAL C 69 4.65 -2.14 -9.15
N LEU C 70 5.19 -1.74 -7.99
CA LEU C 70 5.44 -2.68 -6.90
C LEU C 70 4.19 -3.48 -6.57
N THR C 71 3.07 -2.77 -6.46
CA THR C 71 1.79 -3.42 -6.15
C THR C 71 1.48 -4.55 -7.13
N ASP C 72 1.65 -4.29 -8.43
CA ASP C 72 1.41 -5.30 -9.44
C ASP C 72 2.45 -6.43 -9.36
N ILE C 73 3.69 -6.10 -9.02
CA ILE C 73 4.73 -7.14 -8.90
C ILE C 73 4.39 -8.14 -7.80
N ARG C 74 3.97 -7.62 -6.65
CA ARG C 74 3.63 -8.46 -5.50
C ARG C 74 2.41 -9.31 -5.79
N ARG C 75 1.37 -8.67 -6.32
CA ARG C 75 0.14 -9.38 -6.64
C ARG C 75 0.44 -10.55 -7.56
N ILE C 76 1.20 -10.29 -8.62
CA ILE C 76 1.54 -11.32 -9.58
C ILE C 76 2.42 -12.43 -9.01
N THR C 77 3.58 -12.04 -8.48
CA THR C 77 4.52 -13.00 -7.94
C THR C 77 4.10 -13.69 -6.64
N ASP C 78 3.10 -13.14 -5.94
CA ASP C 78 2.64 -13.77 -4.70
C ASP C 78 1.87 -15.06 -5.01
N VAL C 79 1.29 -15.12 -6.21
CA VAL C 79 0.53 -16.32 -6.58
C VAL C 79 1.12 -17.08 -7.76
N CYS C 80 1.94 -16.41 -8.59
CA CYS C 80 2.54 -17.09 -9.74
C CYS C 80 4.04 -17.23 -9.56
N PRO C 81 4.54 -18.47 -9.57
CA PRO C 81 5.98 -18.69 -9.40
C PRO C 81 6.87 -18.41 -10.61
N LEU C 82 6.29 -18.20 -11.80
CA LEU C 82 7.12 -17.93 -12.96
C LEU C 82 7.98 -16.68 -12.79
N PRO C 83 9.27 -16.75 -13.15
CA PRO C 83 10.14 -15.58 -13.01
C PRO C 83 9.54 -14.41 -13.80
N LEU C 84 9.50 -13.24 -13.17
CA LEU C 84 8.93 -12.05 -13.78
C LEU C 84 9.96 -10.99 -14.15
N LEU C 85 9.96 -10.58 -15.43
CA LEU C 85 10.85 -9.53 -15.92
C LEU C 85 10.03 -8.25 -15.75
N VAL C 86 10.65 -7.22 -15.17
CA VAL C 86 9.93 -5.98 -14.93
C VAL C 86 10.50 -4.74 -15.62
N ASP C 87 9.59 -3.92 -16.13
CA ASP C 87 9.94 -2.67 -16.82
C ASP C 87 10.17 -1.61 -15.74
N ALA C 88 11.42 -1.33 -15.42
CA ALA C 88 11.74 -0.34 -14.40
C ALA C 88 11.91 1.06 -15.02
N ASP C 89 11.47 1.21 -16.25
CA ASP C 89 11.56 2.49 -16.95
C ASP C 89 13.00 3.03 -16.91
N ILE C 90 13.19 4.23 -16.38
CA ILE C 90 14.53 4.81 -16.29
C ILE C 90 15.08 4.76 -14.87
N GLY C 91 14.35 4.10 -13.98
CA GLY C 91 14.81 4.00 -12.60
C GLY C 91 13.91 4.66 -11.58
N PHE C 92 12.87 5.35 -12.04
CA PHE C 92 11.95 6.03 -11.12
C PHE C 92 12.72 6.93 -10.17
N GLY C 93 13.19 8.06 -10.70
CA GLY C 93 13.94 9.00 -9.89
C GLY C 93 15.15 9.48 -10.67
N SER C 94 15.28 10.80 -10.80
CA SER C 94 16.40 11.38 -11.53
C SER C 94 17.70 11.32 -10.73
N SER C 95 17.66 10.68 -9.56
CA SER C 95 18.84 10.57 -8.72
C SER C 95 19.37 9.14 -8.67
N ALA C 96 20.68 9.00 -8.51
CA ALA C 96 21.30 7.69 -8.44
C ALA C 96 20.73 6.95 -7.23
N PHE C 97 20.48 7.69 -6.16
CA PHE C 97 19.92 7.11 -4.95
C PHE C 97 18.62 6.42 -5.33
N ASN C 98 17.77 7.15 -6.04
CA ASN C 98 16.48 6.62 -6.48
C ASN C 98 16.63 5.29 -7.23
N VAL C 99 17.46 5.28 -8.27
CA VAL C 99 17.67 4.06 -9.04
C VAL C 99 18.00 2.88 -8.12
N ALA C 100 18.85 3.12 -7.14
CA ALA C 100 19.24 2.08 -6.21
C ALA C 100 18.07 1.57 -5.39
N ARG C 101 17.25 2.49 -4.88
CA ARG C 101 16.11 2.10 -4.08
C ARG C 101 15.06 1.39 -4.94
N THR C 102 14.98 1.78 -6.20
CA THR C 102 14.04 1.18 -7.14
C THR C 102 14.43 -0.25 -7.48
N VAL C 103 15.72 -0.49 -7.65
CA VAL C 103 16.22 -1.82 -7.97
C VAL C 103 15.97 -2.77 -6.81
N LYS C 104 16.36 -2.35 -5.60
CA LYS C 104 16.18 -3.18 -4.41
C LYS C 104 14.71 -3.45 -4.13
N SER C 105 13.88 -2.41 -4.21
CA SER C 105 12.45 -2.57 -3.97
C SER C 105 11.82 -3.52 -4.99
N ILE C 106 12.17 -3.38 -6.26
CA ILE C 106 11.60 -4.22 -7.30
C ILE C 106 11.93 -5.69 -7.06
N ALA C 107 13.17 -5.98 -6.69
CA ALA C 107 13.59 -7.35 -6.42
C ALA C 107 12.85 -7.87 -5.19
N LYS C 108 12.76 -7.03 -4.16
CA LYS C 108 12.09 -7.42 -2.93
C LYS C 108 10.62 -7.72 -3.18
N ALA C 109 10.00 -6.97 -4.10
CA ALA C 109 8.59 -7.19 -4.41
C ALA C 109 8.41 -8.58 -5.02
N GLY C 110 9.50 -9.19 -5.49
CA GLY C 110 9.41 -10.53 -6.06
C GLY C 110 9.82 -10.72 -7.51
N ALA C 111 10.33 -9.66 -8.14
CA ALA C 111 10.74 -9.74 -9.53
C ALA C 111 11.99 -10.60 -9.72
N ALA C 112 12.15 -11.17 -10.91
CA ALA C 112 13.31 -12.00 -11.22
C ALA C 112 14.32 -11.16 -12.00
N ALA C 113 13.82 -10.18 -12.73
CA ALA C 113 14.67 -9.32 -13.53
C ALA C 113 14.00 -7.98 -13.79
N LEU C 114 14.75 -7.05 -14.34
CA LEU C 114 14.20 -5.73 -14.67
C LEU C 114 15.04 -5.13 -15.77
N HIS C 115 14.47 -4.18 -16.49
CA HIS C 115 15.22 -3.50 -17.52
C HIS C 115 15.10 -2.00 -17.33
N ILE C 116 16.23 -1.32 -17.43
CA ILE C 116 16.31 0.12 -17.28
C ILE C 116 16.77 0.65 -18.63
N GLU C 117 16.18 1.78 -19.06
CA GLU C 117 16.52 2.33 -20.37
C GLU C 117 17.30 3.64 -20.36
N ASP C 118 17.79 4.02 -21.54
CA ASP C 118 18.59 5.24 -21.69
C ASP C 118 17.82 6.45 -22.20
N GLN C 119 16.52 6.49 -21.99
CA GLN C 119 15.74 7.65 -22.44
C GLN C 119 15.92 8.82 -21.48
N VAL C 120 15.72 10.03 -22.01
CA VAL C 120 15.87 11.24 -21.19
C VAL C 120 14.62 11.47 -20.35
N ALA C 132 13.92 11.39 -27.60
CA ALA C 132 15.34 11.61 -27.31
C ALA C 132 15.81 10.73 -26.16
N ILE C 133 17.07 10.29 -26.26
CA ILE C 133 17.68 9.44 -25.24
C ILE C 133 18.92 10.13 -24.67
N VAL C 134 19.36 9.67 -23.51
CA VAL C 134 20.54 10.24 -22.87
C VAL C 134 21.81 9.66 -23.50
N SER C 135 22.94 10.26 -23.15
CA SER C 135 24.23 9.83 -23.67
C SER C 135 24.64 8.47 -23.13
N LYS C 136 25.76 7.96 -23.64
CA LYS C 136 26.29 6.68 -23.22
C LYS C 136 26.81 6.79 -21.79
N GLU C 137 27.70 7.76 -21.57
CA GLU C 137 28.27 7.98 -20.24
C GLU C 137 27.15 8.06 -19.21
N GLU C 138 26.02 8.64 -19.63
CA GLU C 138 24.88 8.79 -18.75
C GLU C 138 24.31 7.41 -18.41
N MET C 139 23.82 6.72 -19.43
CA MET C 139 23.25 5.40 -19.27
C MET C 139 24.18 4.45 -18.53
N VAL C 140 25.48 4.60 -18.76
CA VAL C 140 26.48 3.76 -18.11
C VAL C 140 26.46 3.94 -16.59
N ASP C 141 26.10 5.14 -16.15
CA ASP C 141 26.05 5.42 -14.72
C ASP C 141 24.78 4.87 -14.07
N ARG C 142 23.68 4.86 -14.81
CA ARG C 142 22.44 4.32 -14.28
C ARG C 142 22.66 2.82 -14.09
N ILE C 143 23.24 2.19 -15.10
CA ILE C 143 23.52 0.76 -15.07
C ILE C 143 24.38 0.38 -13.88
N ARG C 144 25.37 1.23 -13.57
CA ARG C 144 26.25 0.97 -12.45
C ARG C 144 25.55 1.15 -11.11
N ALA C 145 24.63 2.09 -11.04
CA ALA C 145 23.89 2.33 -9.81
C ALA C 145 22.99 1.13 -9.51
N ALA C 146 22.44 0.55 -10.58
CA ALA C 146 21.54 -0.60 -10.45
C ALA C 146 22.29 -1.89 -10.07
N VAL C 147 23.39 -2.16 -10.76
CA VAL C 147 24.17 -3.36 -10.48
C VAL C 147 24.75 -3.30 -9.08
N ASP C 148 25.04 -2.08 -8.64
CA ASP C 148 25.60 -1.83 -7.33
C ASP C 148 24.57 -2.14 -6.25
N ALA C 149 23.35 -1.64 -6.45
CA ALA C 149 22.27 -1.83 -5.49
C ALA C 149 21.82 -3.29 -5.36
N ARG C 150 21.82 -4.02 -6.48
CA ARG C 150 21.41 -5.41 -6.50
C ARG C 150 22.10 -6.23 -5.42
N THR C 151 21.32 -6.96 -4.63
CA THR C 151 21.88 -7.79 -3.57
C THR C 151 22.17 -9.19 -4.11
N ASP C 152 21.18 -9.80 -4.75
CA ASP C 152 21.36 -11.14 -5.32
C ASP C 152 21.94 -11.00 -6.72
N PRO C 153 23.15 -11.53 -6.93
CA PRO C 153 23.82 -11.47 -8.23
C PRO C 153 23.04 -12.12 -9.37
N ASN C 154 22.22 -13.10 -9.02
CA ASN C 154 21.43 -13.80 -10.03
C ASN C 154 20.28 -12.94 -10.54
N PHE C 155 19.91 -11.92 -9.78
CA PHE C 155 18.85 -11.02 -10.22
C PHE C 155 19.39 -10.38 -11.49
N VAL C 156 18.58 -10.39 -12.54
CA VAL C 156 18.99 -9.85 -13.82
C VAL C 156 18.79 -8.36 -14.06
N ILE C 157 19.84 -7.70 -14.53
CA ILE C 157 19.77 -6.27 -14.85
C ILE C 157 19.90 -6.16 -16.37
N MET C 158 18.78 -5.94 -17.04
CA MET C 158 18.74 -5.82 -18.50
C MET C 158 18.84 -4.36 -18.91
N ALA C 159 19.70 -4.07 -19.89
CA ALA C 159 19.89 -2.71 -20.38
C ALA C 159 19.13 -2.49 -21.68
N ARG C 160 18.24 -1.52 -21.69
CA ARG C 160 17.44 -1.20 -22.85
C ARG C 160 17.88 0.10 -23.51
N THR C 161 18.00 0.09 -24.84
CA THR C 161 18.41 1.26 -25.59
C THR C 161 17.39 1.58 -26.68
N ASP C 162 17.00 2.85 -26.76
CA ASP C 162 16.03 3.32 -27.74
C ASP C 162 16.72 4.16 -28.82
N ALA C 163 18.03 3.99 -28.94
CA ALA C 163 18.83 4.74 -29.91
C ALA C 163 18.40 4.57 -31.37
N LEU C 164 17.93 3.38 -31.74
CA LEU C 164 17.51 3.12 -33.12
C LEU C 164 16.34 3.97 -33.62
N ALA C 165 15.66 4.69 -32.73
CA ALA C 165 14.54 5.54 -33.12
C ALA C 165 15.01 6.93 -33.57
N VAL C 166 16.26 7.26 -33.25
CA VAL C 166 16.82 8.56 -33.62
C VAL C 166 18.28 8.45 -34.05
N GLU C 167 18.83 7.25 -33.98
CA GLU C 167 20.22 7.00 -34.37
C GLU C 167 20.33 5.81 -35.31
N GLY C 168 21.53 5.61 -35.86
CA GLY C 168 21.77 4.50 -36.76
C GLY C 168 22.28 3.28 -36.03
N LEU C 169 22.13 2.11 -36.67
CA LEU C 169 22.56 0.83 -36.10
C LEU C 169 23.96 0.89 -35.47
N GLU C 170 24.92 1.44 -36.20
CA GLU C 170 26.29 1.54 -35.70
C GLU C 170 26.36 2.25 -34.35
N ALA C 171 25.67 3.39 -34.26
CA ALA C 171 25.66 4.16 -33.03
C ALA C 171 25.08 3.31 -31.90
N ALA C 172 24.01 2.57 -32.21
CA ALA C 172 23.34 1.71 -31.24
C ALA C 172 24.26 0.58 -30.76
N LEU C 173 25.05 0.03 -31.69
CA LEU C 173 25.97 -1.05 -31.36
C LEU C 173 27.05 -0.57 -30.41
N ASP C 174 27.45 0.68 -30.56
CA ASP C 174 28.50 1.24 -29.72
C ASP C 174 28.07 1.25 -28.26
N ARG C 175 26.89 1.80 -27.98
CA ARG C 175 26.36 1.87 -26.63
C ARG C 175 26.30 0.46 -26.04
N ALA C 176 25.77 -0.47 -26.83
CA ALA C 176 25.63 -1.86 -26.43
C ALA C 176 26.87 -2.39 -25.73
N GLN C 177 28.04 -2.05 -26.26
CA GLN C 177 29.30 -2.50 -25.67
C GLN C 177 29.51 -1.82 -24.31
N ALA C 178 29.26 -0.52 -24.28
CA ALA C 178 29.42 0.25 -23.05
C ALA C 178 28.46 -0.21 -21.96
N TYR C 179 27.24 -0.56 -22.36
CA TYR C 179 26.25 -1.02 -21.41
C TYR C 179 26.67 -2.33 -20.76
N VAL C 180 27.12 -3.29 -21.57
CA VAL C 180 27.57 -4.57 -21.05
C VAL C 180 28.75 -4.37 -20.11
N ASP C 181 29.68 -3.52 -20.53
CA ASP C 181 30.87 -3.22 -19.73
C ASP C 181 30.50 -2.71 -18.34
N ALA C 182 29.47 -1.88 -18.27
CA ALA C 182 29.03 -1.32 -16.99
C ALA C 182 28.54 -2.42 -16.05
N GLY C 183 28.01 -3.50 -16.64
CA GLY C 183 27.51 -4.62 -15.84
C GLY C 183 26.22 -5.22 -16.35
N ALA C 184 25.62 -4.59 -17.36
CA ALA C 184 24.36 -5.07 -17.92
C ALA C 184 24.44 -6.55 -18.26
N ASP C 185 23.58 -7.35 -17.62
CA ASP C 185 23.53 -8.78 -17.85
C ASP C 185 22.94 -9.15 -19.21
N MET C 186 21.97 -8.38 -19.67
CA MET C 186 21.32 -8.66 -20.96
C MET C 186 20.98 -7.37 -21.69
N LEU C 187 20.78 -7.48 -22.99
CA LEU C 187 20.47 -6.32 -23.83
C LEU C 187 19.08 -6.33 -24.47
N PHE C 188 18.44 -5.17 -24.48
CA PHE C 188 17.11 -4.99 -25.05
C PHE C 188 17.19 -3.87 -26.11
N PRO C 189 17.47 -4.24 -27.37
CA PRO C 189 17.60 -3.33 -28.52
C PRO C 189 16.22 -2.98 -29.08
N GLU C 190 15.76 -1.76 -28.81
CA GLU C 190 14.45 -1.31 -29.26
C GLU C 190 14.35 -0.83 -30.72
N ALA C 191 13.19 -1.09 -31.32
CA ALA C 191 12.89 -0.67 -32.68
C ALA C 191 13.73 -1.30 -33.80
N ILE C 192 14.18 -2.53 -33.59
CA ILE C 192 14.97 -3.21 -34.61
C ILE C 192 14.01 -3.67 -35.70
N THR C 193 14.41 -3.51 -36.96
CA THR C 193 13.55 -3.88 -38.09
C THR C 193 14.11 -4.98 -39.00
N GLU C 194 15.38 -5.31 -38.83
CA GLU C 194 16.01 -6.36 -39.63
C GLU C 194 16.58 -7.45 -38.75
N LEU C 195 16.30 -8.70 -39.13
CA LEU C 195 16.78 -9.85 -38.39
C LEU C 195 18.29 -9.72 -38.14
N SER C 196 19.02 -9.27 -39.16
CA SER C 196 20.46 -9.11 -39.07
C SER C 196 20.89 -8.13 -37.98
N MET C 197 20.02 -7.18 -37.67
CA MET C 197 20.32 -6.21 -36.63
C MET C 197 20.49 -6.94 -35.30
N TYR C 198 19.60 -7.89 -35.02
CA TYR C 198 19.68 -8.67 -33.80
C TYR C 198 21.00 -9.41 -33.75
N ARG C 199 21.33 -10.08 -34.85
CA ARG C 199 22.56 -10.84 -34.94
C ARG C 199 23.78 -9.99 -34.62
N ARG C 200 23.80 -8.76 -35.12
CA ARG C 200 24.93 -7.87 -34.87
C ARG C 200 25.05 -7.48 -33.39
N PHE C 201 23.92 -7.23 -32.74
CA PHE C 201 23.95 -6.88 -31.32
C PHE C 201 24.45 -8.08 -30.54
N ALA C 202 23.94 -9.26 -30.87
CA ALA C 202 24.34 -10.49 -30.21
C ALA C 202 25.86 -10.69 -30.30
N ASP C 203 26.41 -10.42 -31.48
CA ASP C 203 27.84 -10.59 -31.69
C ASP C 203 28.70 -9.50 -31.06
N VAL C 204 28.11 -8.32 -30.83
CA VAL C 204 28.86 -7.23 -30.23
C VAL C 204 28.68 -7.17 -28.72
N ALA C 205 27.46 -7.42 -28.27
CA ALA C 205 27.14 -7.39 -26.84
C ALA C 205 27.67 -8.60 -26.08
N GLN C 206 27.59 -9.77 -26.70
CA GLN C 206 28.06 -11.00 -26.09
C GLN C 206 27.19 -11.49 -24.95
N VAL C 207 26.01 -10.90 -24.81
CA VAL C 207 25.06 -11.29 -23.77
C VAL C 207 23.70 -11.52 -24.43
N PRO C 208 22.78 -12.20 -23.72
CA PRO C 208 21.46 -12.45 -24.30
C PRO C 208 20.77 -11.20 -24.85
N ILE C 209 20.13 -11.36 -26.00
CA ILE C 209 19.44 -10.26 -26.66
C ILE C 209 17.93 -10.51 -26.65
N LEU C 210 17.17 -9.49 -26.24
CA LEU C 210 15.72 -9.61 -26.21
C LEU C 210 15.13 -8.83 -27.38
N ALA C 211 14.14 -9.44 -28.05
CA ALA C 211 13.47 -8.80 -29.17
C ALA C 211 12.04 -8.44 -28.80
N ASN C 212 11.74 -7.15 -28.75
CA ASN C 212 10.39 -6.69 -28.42
C ASN C 212 9.46 -6.82 -29.61
N ILE C 213 8.73 -7.93 -29.66
CA ILE C 213 7.81 -8.19 -30.75
C ILE C 213 6.39 -7.73 -30.42
N THR C 214 6.25 -6.45 -30.10
CA THR C 214 4.94 -5.90 -29.77
C THR C 214 4.23 -5.51 -31.07
N GLU C 215 2.91 -5.49 -31.05
CA GLU C 215 2.18 -5.12 -32.26
C GLU C 215 2.05 -3.61 -32.48
N PHE C 216 1.75 -3.24 -33.72
CA PHE C 216 1.58 -1.85 -34.13
C PHE C 216 2.85 -1.02 -33.96
N GLY C 217 4.00 -1.68 -33.97
CA GLY C 217 5.28 -1.00 -33.84
C GLY C 217 6.12 -1.13 -35.11
N ALA C 218 7.27 -0.46 -35.14
CA ALA C 218 8.15 -0.51 -36.31
C ALA C 218 8.75 -1.89 -36.51
N THR C 219 8.89 -2.64 -35.43
CA THR C 219 9.45 -3.98 -35.49
C THR C 219 8.43 -4.96 -36.07
N PRO C 220 8.84 -5.74 -37.09
CA PRO C 220 7.95 -6.71 -37.73
C PRO C 220 7.56 -7.83 -36.76
N LEU C 221 6.47 -8.53 -37.07
CA LEU C 221 6.02 -9.63 -36.24
C LEU C 221 6.86 -10.87 -36.56
N PHE C 222 8.13 -10.82 -36.18
CA PHE C 222 9.05 -11.92 -36.40
C PHE C 222 8.57 -13.14 -35.62
N THR C 223 8.80 -14.32 -36.20
CA THR C 223 8.42 -15.58 -35.57
C THR C 223 9.58 -16.07 -34.71
N THR C 224 9.31 -17.00 -33.80
CA THR C 224 10.36 -17.52 -32.94
C THR C 224 11.44 -18.20 -33.78
N ASP C 225 11.05 -18.79 -34.89
CA ASP C 225 12.04 -19.44 -35.75
C ASP C 225 12.95 -18.39 -36.40
N GLU C 226 12.36 -17.26 -36.79
CA GLU C 226 13.16 -16.20 -37.41
C GLU C 226 14.14 -15.61 -36.40
N LEU C 227 13.63 -15.29 -35.21
CA LEU C 227 14.48 -14.72 -34.16
C LEU C 227 15.60 -15.68 -33.77
N ARG C 228 15.31 -16.97 -33.76
CA ARG C 228 16.30 -17.97 -33.42
C ARG C 228 17.45 -17.95 -34.43
N SER C 229 17.12 -17.80 -35.71
CA SER C 229 18.14 -17.77 -36.75
C SER C 229 19.04 -16.55 -36.54
N ALA C 230 18.48 -15.52 -35.92
CA ALA C 230 19.24 -14.29 -35.66
C ALA C 230 19.90 -14.30 -34.29
N HIS C 231 19.93 -15.46 -33.65
CA HIS C 231 20.53 -15.61 -32.32
C HIS C 231 19.86 -14.80 -31.21
N VAL C 232 18.55 -14.61 -31.31
CA VAL C 232 17.79 -13.87 -30.31
C VAL C 232 17.53 -14.77 -29.10
N ALA C 233 17.87 -14.30 -27.91
CA ALA C 233 17.68 -15.09 -26.70
C ALA C 233 16.26 -15.05 -26.13
N MET C 234 15.57 -13.92 -26.29
CA MET C 234 14.21 -13.80 -25.75
C MET C 234 13.24 -13.08 -26.70
N ALA C 235 12.01 -13.58 -26.76
CA ALA C 235 10.97 -12.96 -27.58
C ALA C 235 9.94 -12.39 -26.61
N LEU C 236 9.82 -11.06 -26.59
CA LEU C 236 8.92 -10.35 -25.69
C LEU C 236 7.62 -9.90 -26.34
N TYR C 237 6.49 -10.17 -25.68
CA TYR C 237 5.17 -9.77 -26.16
C TYR C 237 4.55 -9.06 -24.96
N PRO C 238 4.91 -7.78 -24.77
CA PRO C 238 4.47 -6.92 -23.67
C PRO C 238 2.97 -6.72 -23.39
N LEU C 239 2.17 -6.43 -24.41
CA LEU C 239 0.74 -6.20 -24.18
C LEU C 239 -0.25 -7.03 -24.98
N SER C 240 0.24 -8.03 -25.69
CA SER C 240 -0.59 -8.89 -26.53
C SER C 240 -1.93 -9.35 -25.93
N ALA C 241 -1.86 -10.04 -24.80
CA ALA C 241 -3.08 -10.53 -24.16
C ALA C 241 -3.95 -9.36 -23.76
N PHE C 242 -3.32 -8.31 -23.26
CA PHE C 242 -4.02 -7.09 -22.84
C PHE C 242 -4.88 -6.50 -23.95
N ARG C 243 -4.34 -6.41 -25.17
CA ARG C 243 -5.09 -5.84 -26.28
C ARG C 243 -6.37 -6.61 -26.61
N ALA C 244 -6.28 -7.95 -26.61
CA ALA C 244 -7.44 -8.78 -26.91
C ALA C 244 -8.41 -8.79 -25.74
N MET C 245 -7.87 -8.57 -24.55
CA MET C 245 -8.67 -8.51 -23.34
C MET C 245 -9.55 -7.25 -23.40
N ASN C 246 -8.98 -6.16 -23.87
CA ASN C 246 -9.72 -4.90 -23.95
C ASN C 246 -10.82 -4.94 -25.01
N ARG C 247 -10.52 -5.51 -26.17
CA ARG C 247 -11.52 -5.60 -27.23
C ARG C 247 -12.73 -6.41 -26.75
N ALA C 248 -12.47 -7.60 -26.24
CA ALA C 248 -13.53 -8.47 -25.75
C ALA C 248 -14.33 -7.82 -24.61
N ALA C 249 -13.64 -7.06 -23.75
CA ALA C 249 -14.30 -6.39 -22.65
C ALA C 249 -15.29 -5.40 -23.23
N GLU C 250 -14.80 -4.57 -24.14
CA GLU C 250 -15.60 -3.57 -24.80
C GLU C 250 -16.81 -4.18 -25.52
N LYS C 251 -16.59 -5.31 -26.19
CA LYS C 251 -17.66 -5.98 -26.90
C LYS C 251 -18.80 -6.25 -25.92
N VAL C 252 -18.47 -6.86 -24.78
CA VAL C 252 -19.45 -7.18 -23.76
C VAL C 252 -20.16 -5.92 -23.28
N TYR C 253 -19.42 -4.85 -23.04
CA TYR C 253 -20.01 -3.61 -22.57
C TYR C 253 -21.02 -3.06 -23.58
N THR C 254 -20.57 -2.91 -24.82
CA THR C 254 -21.42 -2.39 -25.88
C THR C 254 -22.73 -3.16 -26.06
N VAL C 255 -22.63 -4.47 -26.26
CA VAL C 255 -23.80 -5.31 -26.44
C VAL C 255 -24.78 -5.23 -25.27
N LEU C 256 -24.25 -5.41 -24.06
CA LEU C 256 -25.08 -5.36 -22.86
C LEU C 256 -25.79 -4.02 -22.74
N ARG C 257 -25.15 -2.95 -23.22
CA ARG C 257 -25.73 -1.63 -23.16
C ARG C 257 -26.77 -1.40 -24.26
N GLN C 258 -26.63 -2.12 -25.37
CA GLN C 258 -27.56 -1.98 -26.48
C GLN C 258 -28.75 -2.91 -26.41
N GLU C 259 -28.54 -4.14 -25.92
CA GLU C 259 -29.61 -5.11 -25.85
C GLU C 259 -30.16 -5.36 -24.44
N GLY C 260 -29.73 -4.55 -23.48
CA GLY C 260 -30.20 -4.69 -22.11
C GLY C 260 -30.11 -6.09 -21.55
N THR C 261 -29.12 -6.85 -22.02
CA THR C 261 -28.89 -8.22 -21.58
C THR C 261 -27.57 -8.69 -22.18
N GLN C 262 -26.91 -9.65 -21.52
CA GLN C 262 -25.63 -10.13 -22.03
C GLN C 262 -25.79 -11.48 -22.72
N LYS C 263 -27.04 -11.86 -22.95
CA LYS C 263 -27.36 -13.14 -23.59
C LYS C 263 -26.50 -13.46 -24.82
N ASN C 264 -26.39 -12.50 -25.74
CA ASN C 264 -25.62 -12.72 -26.96
C ASN C 264 -24.11 -12.55 -26.79
N VAL C 265 -23.64 -12.62 -25.55
CA VAL C 265 -22.22 -12.46 -25.26
C VAL C 265 -21.73 -13.62 -24.42
N ILE C 266 -22.67 -14.45 -23.95
CA ILE C 266 -22.32 -15.61 -23.13
C ILE C 266 -21.28 -16.49 -23.82
N ASP C 267 -21.47 -16.70 -25.11
CA ASP C 267 -20.58 -17.56 -25.90
C ASP C 267 -19.10 -17.17 -25.96
N ILE C 268 -18.77 -15.91 -25.66
CA ILE C 268 -17.37 -15.49 -25.68
C ILE C 268 -16.83 -15.32 -24.27
N MET C 269 -17.57 -15.82 -23.29
CA MET C 269 -17.15 -15.70 -21.89
C MET C 269 -16.49 -16.95 -21.31
N GLN C 270 -15.47 -16.72 -20.50
CA GLN C 270 -14.78 -17.80 -19.84
C GLN C 270 -15.84 -18.41 -18.93
N THR C 271 -15.92 -19.74 -18.88
CA THR C 271 -16.92 -20.39 -18.04
C THR C 271 -16.45 -20.43 -16.59
N ARG C 272 -17.41 -20.59 -15.69
CA ARG C 272 -17.10 -20.64 -14.27
C ARG C 272 -16.05 -21.70 -13.99
N ASN C 273 -16.22 -22.89 -14.57
CA ASN C 273 -15.27 -23.98 -14.37
C ASN C 273 -13.87 -23.57 -14.83
N GLU C 274 -13.79 -22.90 -15.98
CA GLU C 274 -12.52 -22.45 -16.53
C GLU C 274 -11.88 -21.42 -15.61
N LEU C 275 -12.70 -20.56 -15.01
CA LEU C 275 -12.19 -19.55 -14.10
C LEU C 275 -11.63 -20.26 -12.88
N TYR C 276 -12.42 -21.17 -12.31
CA TYR C 276 -12.03 -21.92 -11.13
C TYR C 276 -10.75 -22.71 -11.33
N GLU C 277 -10.59 -23.32 -12.49
CA GLU C 277 -9.39 -24.10 -12.79
C GLU C 277 -8.17 -23.20 -12.94
N SER C 278 -8.34 -22.01 -13.52
CA SER C 278 -7.21 -21.11 -13.69
C SER C 278 -6.68 -20.57 -12.36
N ILE C 279 -7.55 -20.44 -11.35
CA ILE C 279 -7.11 -19.95 -10.05
C ILE C 279 -7.00 -21.05 -9.00
N ASN C 280 -7.01 -22.30 -9.46
CA ASN C 280 -6.90 -23.47 -8.59
C ASN C 280 -7.92 -23.53 -7.48
N TYR C 281 -9.12 -23.05 -7.77
CA TYR C 281 -10.21 -23.05 -6.81
C TYR C 281 -10.38 -24.43 -6.16
N TYR C 282 -10.64 -25.45 -6.99
CA TYR C 282 -10.83 -26.81 -6.48
C TYR C 282 -9.71 -27.24 -5.55
N GLN C 283 -8.49 -26.80 -5.85
CA GLN C 283 -7.34 -27.16 -5.03
C GLN C 283 -7.46 -26.58 -3.62
N PHE C 284 -7.98 -25.35 -3.51
CA PHE C 284 -8.15 -24.74 -2.19
C PHE C 284 -9.20 -25.54 -1.41
N GLU C 285 -10.31 -25.85 -2.06
CA GLU C 285 -11.38 -26.61 -1.42
C GLU C 285 -10.84 -27.96 -0.95
N GLU C 286 -10.00 -28.58 -1.76
CA GLU C 286 -9.40 -29.87 -1.41
C GLU C 286 -8.72 -29.81 -0.04
N LYS C 287 -7.89 -28.79 0.17
CA LYS C 287 -7.17 -28.64 1.43
C LYS C 287 -8.13 -28.51 2.60
N LEU C 288 -9.30 -27.93 2.35
CA LEU C 288 -10.30 -27.79 3.39
C LEU C 288 -10.89 -29.17 3.66
N ASP C 289 -11.19 -29.90 2.58
CA ASP C 289 -11.75 -31.25 2.72
C ASP C 289 -10.78 -32.07 3.57
N ALA C 290 -9.49 -31.87 3.33
CA ALA C 290 -8.45 -32.59 4.04
C ALA C 290 -8.53 -32.38 5.55
N LEU C 291 -8.94 -31.18 5.97
CA LEU C 291 -9.07 -30.88 7.38
C LEU C 291 -10.36 -31.45 7.95
N HIS D 6 -18.19 18.02 -4.98
CA HIS D 6 -18.79 16.82 -5.61
C HIS D 6 -18.98 15.67 -4.63
N SER D 7 -20.02 14.87 -4.87
CA SER D 7 -20.33 13.75 -4.00
C SER D 7 -20.67 12.52 -4.83
N PRO D 8 -19.78 11.52 -4.84
CA PRO D 8 -20.05 10.29 -5.60
C PRO D 8 -21.33 9.64 -5.13
N GLY D 9 -21.65 9.83 -3.86
CA GLY D 9 -22.87 9.27 -3.31
C GLY D 9 -24.06 9.92 -3.99
N GLN D 10 -23.93 11.20 -4.30
CA GLN D 10 -24.99 11.94 -4.97
C GLN D 10 -25.12 11.43 -6.40
N ALA D 11 -23.98 11.31 -7.07
CA ALA D 11 -23.95 10.85 -8.45
C ALA D 11 -24.63 9.50 -8.58
N PHE D 12 -24.37 8.61 -7.63
CA PHE D 12 -24.97 7.28 -7.64
C PHE D 12 -26.48 7.33 -7.50
N ARG D 13 -26.95 8.08 -6.49
CA ARG D 13 -28.38 8.22 -6.25
C ARG D 13 -29.07 8.86 -7.47
N ALA D 14 -28.36 9.77 -8.12
CA ALA D 14 -28.90 10.46 -9.29
C ALA D 14 -29.00 9.49 -10.47
N ALA D 15 -28.01 8.61 -10.60
CA ALA D 15 -28.01 7.63 -11.68
C ALA D 15 -29.25 6.73 -11.59
N LEU D 16 -29.55 6.20 -10.40
CA LEU D 16 -30.72 5.35 -10.23
C LEU D 16 -31.99 6.11 -10.56
N ALA D 17 -31.91 7.44 -10.42
CA ALA D 17 -33.06 8.30 -10.70
C ALA D 17 -33.27 8.52 -12.19
N LYS D 18 -32.18 8.67 -12.95
CA LYS D 18 -32.29 8.90 -14.38
C LYS D 18 -32.34 7.63 -15.23
N GLU D 19 -32.11 6.48 -14.59
CA GLU D 19 -32.12 5.20 -15.30
C GLU D 19 -32.77 4.14 -14.44
N ASN D 20 -33.72 3.40 -15.01
CA ASN D 20 -34.44 2.37 -14.26
C ASN D 20 -34.82 1.19 -15.16
N PRO D 21 -34.26 0.00 -14.91
CA PRO D 21 -33.29 -0.29 -13.84
C PRO D 21 -31.96 0.32 -14.22
N LEU D 22 -31.19 0.76 -13.23
CA LEU D 22 -29.88 1.34 -13.52
C LEU D 22 -28.93 0.18 -13.81
N GLN D 23 -28.29 0.20 -14.98
CA GLN D 23 -27.35 -0.85 -15.33
C GLN D 23 -26.01 -0.54 -14.67
N ILE D 24 -25.57 -1.45 -13.83
CA ILE D 24 -24.28 -1.29 -13.15
C ILE D 24 -23.41 -2.46 -13.56
N VAL D 25 -22.29 -2.16 -14.22
CA VAL D 25 -21.37 -3.20 -14.67
C VAL D 25 -20.06 -3.15 -13.92
N GLY D 26 -19.54 -4.34 -13.58
CA GLY D 26 -18.28 -4.41 -12.88
C GLY D 26 -17.13 -4.06 -13.81
N ALA D 27 -16.12 -3.40 -13.26
CA ALA D 27 -14.94 -3.03 -14.02
C ALA D 27 -13.78 -3.61 -13.25
N ILE D 28 -13.09 -4.57 -13.86
CA ILE D 28 -11.98 -5.25 -13.20
C ILE D 28 -10.81 -4.34 -12.86
N ASN D 29 -10.66 -3.25 -13.60
CA ASN D 29 -9.58 -2.31 -13.35
C ASN D 29 -9.92 -0.91 -13.89
N ALA D 30 -9.04 0.05 -13.64
CA ALA D 30 -9.24 1.43 -14.07
C ALA D 30 -9.44 1.55 -15.58
N ASN D 31 -8.78 0.71 -16.36
CA ASN D 31 -8.93 0.78 -17.81
C ASN D 31 -10.34 0.45 -18.23
N HIS D 32 -10.88 -0.64 -17.68
CA HIS D 32 -12.23 -1.07 -18.01
C HIS D 32 -13.29 -0.12 -17.48
N ALA D 33 -12.95 0.64 -16.45
CA ALA D 33 -13.90 1.61 -15.90
C ALA D 33 -14.10 2.68 -16.97
N LEU D 34 -13.00 3.06 -17.61
CA LEU D 34 -13.01 4.06 -18.67
C LEU D 34 -13.77 3.55 -19.88
N LEU D 35 -13.62 2.25 -20.17
CA LEU D 35 -14.34 1.66 -21.31
C LEU D 35 -15.83 1.69 -21.03
N ALA D 36 -16.21 1.25 -19.83
CA ALA D 36 -17.61 1.21 -19.43
C ALA D 36 -18.23 2.60 -19.56
N GLN D 37 -17.44 3.61 -19.21
CA GLN D 37 -17.93 4.98 -19.30
C GLN D 37 -18.21 5.31 -20.77
N ARG D 38 -17.26 5.00 -21.64
CA ARG D 38 -17.41 5.26 -23.07
C ARG D 38 -18.59 4.50 -23.65
N ALA D 39 -19.00 3.42 -22.99
CA ALA D 39 -20.14 2.64 -23.48
C ALA D 39 -21.47 3.27 -23.05
N GLY D 40 -21.40 4.32 -22.23
CA GLY D 40 -22.60 5.00 -21.79
C GLY D 40 -23.14 4.61 -20.42
N TYR D 41 -22.38 3.82 -19.66
CA TYR D 41 -22.85 3.42 -18.34
C TYR D 41 -22.80 4.55 -17.32
N GLN D 42 -23.81 4.59 -16.47
CA GLN D 42 -23.94 5.63 -15.45
C GLN D 42 -23.28 5.30 -14.11
N ALA D 43 -23.07 4.01 -13.85
CA ALA D 43 -22.44 3.58 -12.61
C ALA D 43 -21.71 2.26 -12.81
N ILE D 44 -20.66 2.06 -12.01
CA ILE D 44 -19.90 0.82 -12.10
C ILE D 44 -19.80 0.08 -10.78
N TYR D 45 -19.24 -1.12 -10.86
CA TYR D 45 -19.12 -1.98 -9.70
C TYR D 45 -17.72 -2.55 -9.51
N LEU D 46 -17.32 -2.71 -8.24
CA LEU D 46 -16.04 -3.32 -7.92
C LEU D 46 -16.39 -4.62 -7.24
N SER D 47 -16.32 -5.71 -8.00
CA SER D 47 -16.64 -7.03 -7.49
C SER D 47 -15.58 -7.59 -6.56
N GLY D 48 -16.03 -8.11 -5.41
CA GLY D 48 -15.11 -8.69 -4.45
C GLY D 48 -14.49 -9.93 -5.07
N GLY D 49 -15.34 -10.72 -5.72
CA GLY D 49 -14.85 -11.93 -6.38
C GLY D 49 -13.83 -11.58 -7.44
N GLY D 50 -14.03 -10.44 -8.09
CA GLY D 50 -13.12 -9.99 -9.12
C GLY D 50 -11.77 -9.51 -8.60
N VAL D 51 -11.75 -8.89 -7.43
CA VAL D 51 -10.50 -8.40 -6.86
C VAL D 51 -9.65 -9.62 -6.49
N ALA D 52 -10.31 -10.67 -6.08
CA ALA D 52 -9.63 -11.90 -5.70
C ALA D 52 -9.15 -12.67 -6.93
N ALA D 53 -10.05 -12.93 -7.86
CA ALA D 53 -9.71 -13.69 -9.07
C ALA D 53 -8.86 -12.91 -10.07
N GLY D 54 -9.17 -11.63 -10.26
CA GLY D 54 -8.42 -10.84 -11.22
C GLY D 54 -7.18 -10.14 -10.69
N SER D 55 -7.33 -9.36 -9.62
CA SER D 55 -6.19 -8.64 -9.08
C SER D 55 -5.23 -9.54 -8.31
N LEU D 56 -5.76 -10.58 -7.68
CA LEU D 56 -4.93 -11.48 -6.89
C LEU D 56 -4.76 -12.90 -7.44
N GLY D 57 -5.56 -13.25 -8.44
CA GLY D 57 -5.48 -14.59 -9.00
C GLY D 57 -5.86 -15.63 -7.96
N LEU D 58 -6.73 -15.24 -7.04
CA LEU D 58 -7.18 -16.12 -5.97
C LEU D 58 -8.68 -16.41 -5.99
N PRO D 59 -9.08 -17.60 -5.51
CA PRO D 59 -10.50 -17.94 -5.49
C PRO D 59 -11.19 -17.04 -4.47
N ASP D 60 -12.50 -16.87 -4.61
CA ASP D 60 -13.29 -16.02 -3.72
C ASP D 60 -13.56 -16.71 -2.39
N LEU D 61 -12.50 -16.90 -1.62
CA LEU D 61 -12.60 -17.58 -0.34
C LEU D 61 -12.14 -16.74 0.84
N GLY D 62 -12.38 -15.43 0.77
CA GLY D 62 -12.00 -14.55 1.85
C GLY D 62 -10.51 -14.48 2.14
N ILE D 63 -9.70 -14.52 1.08
CA ILE D 63 -8.25 -14.46 1.24
C ILE D 63 -7.81 -13.02 0.96
N SER D 64 -8.54 -12.32 0.10
CA SER D 64 -8.21 -10.94 -0.21
C SER D 64 -8.45 -10.12 1.05
N THR D 65 -7.91 -8.90 1.08
CA THR D 65 -8.07 -8.05 2.24
C THR D 65 -8.65 -6.69 1.84
N LEU D 66 -9.08 -5.90 2.83
CA LEU D 66 -9.63 -4.59 2.54
C LEU D 66 -8.63 -3.79 1.72
N ASP D 67 -7.35 -3.89 2.09
CA ASP D 67 -6.29 -3.17 1.39
C ASP D 67 -6.23 -3.47 -0.12
N ASP D 68 -6.43 -4.73 -0.49
CA ASP D 68 -6.42 -5.11 -1.91
C ASP D 68 -7.57 -4.36 -2.57
N VAL D 69 -8.70 -4.31 -1.88
CA VAL D 69 -9.90 -3.65 -2.37
C VAL D 69 -9.73 -2.13 -2.50
N LEU D 70 -9.17 -1.51 -1.46
CA LEU D 70 -8.94 -0.07 -1.46
C LEU D 70 -8.03 0.37 -2.61
N THR D 71 -7.04 -0.45 -2.92
CA THR D 71 -6.11 -0.13 -4.00
C THR D 71 -6.85 -0.02 -5.34
N ASP D 72 -7.75 -0.96 -5.60
CA ASP D 72 -8.51 -0.92 -6.84
C ASP D 72 -9.48 0.27 -6.86
N ILE D 73 -10.05 0.63 -5.71
CA ILE D 73 -10.96 1.76 -5.65
C ILE D 73 -10.21 3.05 -6.00
N ARG D 74 -9.02 3.22 -5.42
CA ARG D 74 -8.24 4.41 -5.69
C ARG D 74 -7.86 4.48 -7.16
N ARG D 75 -7.39 3.36 -7.72
CA ARG D 75 -7.00 3.33 -9.12
C ARG D 75 -8.19 3.68 -10.01
N ILE D 76 -9.33 3.03 -9.76
CA ILE D 76 -10.52 3.30 -10.56
C ILE D 76 -11.10 4.72 -10.38
N THR D 77 -11.46 5.08 -9.14
CA THR D 77 -12.04 6.39 -8.89
C THR D 77 -11.10 7.58 -9.09
N ASP D 78 -9.80 7.32 -9.24
CA ASP D 78 -8.87 8.42 -9.45
C ASP D 78 -8.91 8.91 -10.89
N VAL D 79 -9.31 8.04 -11.82
CA VAL D 79 -9.36 8.40 -13.22
C VAL D 79 -10.77 8.36 -13.81
N CYS D 80 -11.67 7.60 -13.19
CA CYS D 80 -13.04 7.51 -13.67
C CYS D 80 -14.02 8.13 -12.66
N PRO D 81 -14.81 9.13 -13.10
CA PRO D 81 -15.77 9.81 -12.23
C PRO D 81 -17.12 9.12 -12.04
N LEU D 82 -17.33 7.99 -12.71
CA LEU D 82 -18.59 7.29 -12.56
C LEU D 82 -18.75 6.82 -11.11
N PRO D 83 -19.93 7.01 -10.52
CA PRO D 83 -20.08 6.56 -9.14
C PRO D 83 -19.73 5.08 -9.06
N LEU D 84 -18.94 4.71 -8.05
CA LEU D 84 -18.51 3.33 -7.91
C LEU D 84 -19.16 2.58 -6.74
N LEU D 85 -19.90 1.52 -7.04
CA LEU D 85 -20.53 0.69 -6.02
C LEU D 85 -19.48 -0.35 -5.64
N VAL D 86 -19.24 -0.51 -4.34
CA VAL D 86 -18.22 -1.45 -3.88
C VAL D 86 -18.77 -2.62 -3.07
N ASP D 87 -18.13 -3.78 -3.23
CA ASP D 87 -18.50 -4.97 -2.48
C ASP D 87 -17.61 -4.95 -1.24
N ALA D 88 -18.19 -4.67 -0.08
CA ALA D 88 -17.45 -4.59 1.17
C ALA D 88 -17.65 -5.82 2.06
N ASP D 89 -18.20 -6.88 1.48
CA ASP D 89 -18.45 -8.14 2.19
C ASP D 89 -19.11 -7.93 3.55
N ILE D 90 -18.61 -8.63 4.57
CA ILE D 90 -19.15 -8.51 5.92
C ILE D 90 -18.48 -7.40 6.72
N GLY D 91 -17.69 -6.59 6.03
CA GLY D 91 -16.99 -5.49 6.67
C GLY D 91 -15.53 -5.79 6.90
N PHE D 92 -15.09 -6.97 6.45
CA PHE D 92 -13.70 -7.37 6.62
C PHE D 92 -13.23 -7.37 8.06
N GLY D 93 -14.10 -6.92 8.96
CA GLY D 93 -13.78 -6.89 10.37
C GLY D 93 -14.79 -7.75 11.10
N SER D 94 -15.32 -7.23 12.20
CA SER D 94 -16.31 -7.96 12.98
C SER D 94 -17.07 -7.03 13.93
N SER D 95 -16.34 -6.28 14.73
CA SER D 95 -16.96 -5.31 15.63
C SER D 95 -17.38 -4.01 14.94
N ALA D 96 -18.07 -3.17 15.71
CA ALA D 96 -18.54 -1.89 15.20
C ALA D 96 -17.42 -1.02 14.62
N PHE D 97 -16.32 -0.88 15.35
CA PHE D 97 -15.20 -0.07 14.86
C PHE D 97 -14.52 -0.66 13.64
N ASN D 98 -14.73 -1.95 13.40
CA ASN D 98 -14.14 -2.59 12.23
C ASN D 98 -15.00 -2.22 11.03
N VAL D 99 -16.31 -2.33 11.20
CA VAL D 99 -17.25 -1.99 10.14
C VAL D 99 -17.10 -0.50 9.84
N ALA D 100 -16.98 0.30 10.89
CA ALA D 100 -16.85 1.74 10.72
C ALA D 100 -15.57 2.12 9.98
N ARG D 101 -14.44 1.56 10.40
CA ARG D 101 -13.16 1.84 9.76
C ARG D 101 -13.19 1.40 8.30
N THR D 102 -13.87 0.29 8.03
CA THR D 102 -13.99 -0.22 6.67
C THR D 102 -14.80 0.74 5.82
N VAL D 103 -15.98 1.10 6.31
CA VAL D 103 -16.87 2.01 5.60
C VAL D 103 -16.20 3.34 5.30
N LYS D 104 -15.50 3.90 6.29
CA LYS D 104 -14.80 5.16 6.11
C LYS D 104 -13.63 5.04 5.15
N SER D 105 -12.94 3.91 5.20
CA SER D 105 -11.80 3.66 4.33
C SER D 105 -12.28 3.68 2.87
N ILE D 106 -13.31 2.88 2.60
CA ILE D 106 -13.90 2.77 1.28
C ILE D 106 -14.39 4.12 0.78
N ALA D 107 -15.15 4.84 1.60
CA ALA D 107 -15.66 6.15 1.20
C ALA D 107 -14.49 7.05 0.87
N LYS D 108 -13.50 7.06 1.75
CA LYS D 108 -12.31 7.89 1.58
C LYS D 108 -11.52 7.49 0.33
N ALA D 109 -11.56 6.21 -0.02
CA ALA D 109 -10.85 5.73 -1.20
C ALA D 109 -11.47 6.30 -2.48
N GLY D 110 -12.75 6.69 -2.40
CA GLY D 110 -13.40 7.25 -3.57
C GLY D 110 -14.74 6.63 -3.93
N ALA D 111 -15.12 5.58 -3.21
CA ALA D 111 -16.38 4.90 -3.48
C ALA D 111 -17.58 5.82 -3.38
N ALA D 112 -18.68 5.41 -3.99
CA ALA D 112 -19.91 6.18 -3.98
C ALA D 112 -20.94 5.41 -3.17
N ALA D 113 -20.73 4.11 -3.06
CA ALA D 113 -21.63 3.24 -2.31
C ALA D 113 -20.96 1.90 -2.10
N LEU D 114 -21.50 1.13 -1.18
CA LEU D 114 -20.96 -0.20 -0.85
C LEU D 114 -22.10 -1.06 -0.36
N HIS D 115 -21.86 -2.37 -0.25
CA HIS D 115 -22.88 -3.26 0.25
C HIS D 115 -22.29 -4.31 1.20
N ILE D 116 -22.95 -4.52 2.33
CA ILE D 116 -22.51 -5.51 3.31
C ILE D 116 -23.57 -6.60 3.37
N GLU D 117 -23.14 -7.83 3.63
CA GLU D 117 -24.06 -8.96 3.66
C GLU D 117 -24.19 -9.64 5.01
N ASP D 118 -25.25 -10.44 5.16
CA ASP D 118 -25.49 -11.15 6.40
C ASP D 118 -24.86 -12.54 6.40
N GLN D 119 -24.27 -12.93 5.28
CA GLN D 119 -23.63 -14.23 5.20
C GLN D 119 -22.47 -14.25 6.20
N VAL D 120 -22.55 -15.18 7.15
CA VAL D 120 -21.53 -15.30 8.18
C VAL D 120 -20.12 -15.20 7.60
N ALA D 132 -24.54 -20.27 5.83
CA ALA D 132 -25.42 -19.73 6.86
C ALA D 132 -25.23 -18.21 6.98
N ILE D 133 -26.22 -17.54 7.56
CA ILE D 133 -26.16 -16.10 7.72
C ILE D 133 -26.25 -15.73 9.20
N VAL D 134 -25.97 -14.46 9.49
CA VAL D 134 -26.02 -13.96 10.86
C VAL D 134 -27.45 -13.62 11.27
N SER D 135 -27.65 -13.45 12.58
CA SER D 135 -28.96 -13.11 13.12
C SER D 135 -29.43 -11.77 12.60
N LYS D 136 -30.74 -11.57 12.59
CA LYS D 136 -31.31 -10.31 12.13
C LYS D 136 -30.66 -9.21 12.95
N GLU D 137 -30.66 -9.40 14.26
CA GLU D 137 -30.09 -8.45 15.20
C GLU D 137 -28.67 -8.02 14.84
N GLU D 138 -27.74 -8.98 14.83
CA GLU D 138 -26.35 -8.67 14.52
C GLU D 138 -26.19 -7.93 13.19
N MET D 139 -26.99 -8.30 12.20
CA MET D 139 -26.92 -7.64 10.90
C MET D 139 -27.46 -6.23 11.06
N VAL D 140 -28.40 -6.05 11.98
CA VAL D 140 -28.99 -4.74 12.26
C VAL D 140 -27.95 -3.79 12.85
N ASP D 141 -27.08 -4.31 13.71
CA ASP D 141 -26.04 -3.49 14.32
C ASP D 141 -24.97 -3.19 13.30
N ARG D 142 -24.67 -4.18 12.46
CA ARG D 142 -23.66 -4.02 11.42
C ARG D 142 -24.08 -2.86 10.52
N ILE D 143 -25.36 -2.82 10.17
CA ILE D 143 -25.87 -1.75 9.32
C ILE D 143 -25.84 -0.41 10.05
N ARG D 144 -26.18 -0.42 11.34
CA ARG D 144 -26.18 0.80 12.14
C ARG D 144 -24.77 1.37 12.22
N ALA D 145 -23.80 0.49 12.48
CA ALA D 145 -22.41 0.91 12.58
C ALA D 145 -21.96 1.50 11.23
N ALA D 146 -22.46 0.90 10.15
CA ALA D 146 -22.12 1.37 8.81
C ALA D 146 -22.72 2.74 8.59
N VAL D 147 -24.02 2.87 8.85
CA VAL D 147 -24.71 4.15 8.66
C VAL D 147 -24.14 5.24 9.58
N ASP D 148 -23.74 4.84 10.78
CA ASP D 148 -23.19 5.79 11.74
C ASP D 148 -21.80 6.27 11.33
N ALA D 149 -21.01 5.38 10.72
CA ALA D 149 -19.66 5.72 10.28
C ALA D 149 -19.67 6.61 9.05
N ARG D 150 -20.79 6.62 8.35
CA ARG D 150 -20.93 7.43 7.15
C ARG D 150 -20.78 8.90 7.46
N THR D 151 -20.02 9.61 6.62
CA THR D 151 -19.80 11.04 6.79
C THR D 151 -20.70 11.82 5.85
N ASP D 152 -20.80 11.34 4.61
CA ASP D 152 -21.65 11.97 3.61
C ASP D 152 -22.95 11.18 3.57
N PRO D 153 -24.06 11.81 3.97
CA PRO D 153 -25.36 11.11 3.96
C PRO D 153 -25.77 10.58 2.58
N ASN D 154 -25.22 11.16 1.53
CA ASN D 154 -25.54 10.70 0.18
C ASN D 154 -24.81 9.40 -0.13
N PHE D 155 -23.81 9.08 0.68
CA PHE D 155 -23.06 7.84 0.49
C PHE D 155 -24.08 6.74 0.71
N VAL D 156 -24.10 5.76 -0.18
CA VAL D 156 -25.06 4.68 -0.11
C VAL D 156 -24.64 3.40 0.60
N ILE D 157 -25.43 2.99 1.59
CA ILE D 157 -25.17 1.77 2.33
C ILE D 157 -26.21 0.76 1.86
N MET D 158 -25.75 -0.29 1.18
CA MET D 158 -26.64 -1.32 0.66
C MET D 158 -26.52 -2.58 1.50
N ALA D 159 -27.67 -3.19 1.81
CA ALA D 159 -27.69 -4.40 2.61
C ALA D 159 -27.99 -5.61 1.73
N ARG D 160 -27.07 -6.55 1.69
CA ARG D 160 -27.23 -7.76 0.89
C ARG D 160 -27.61 -8.91 1.80
N THR D 161 -28.69 -9.61 1.47
CA THR D 161 -29.16 -10.72 2.29
C THR D 161 -29.37 -12.00 1.51
N ASP D 162 -29.22 -13.13 2.20
CA ASP D 162 -29.42 -14.44 1.62
C ASP D 162 -30.38 -15.24 2.51
N ALA D 163 -31.20 -14.52 3.26
CA ALA D 163 -32.18 -15.14 4.16
C ALA D 163 -33.28 -15.88 3.43
N LEU D 164 -33.66 -15.39 2.25
CA LEU D 164 -34.71 -16.04 1.48
C LEU D 164 -34.32 -17.50 1.27
N ALA D 165 -33.11 -17.71 0.75
CA ALA D 165 -32.61 -19.04 0.46
C ALA D 165 -32.28 -19.85 1.72
N VAL D 166 -32.08 -19.16 2.84
CA VAL D 166 -31.73 -19.83 4.08
C VAL D 166 -32.89 -20.05 5.03
N GLU D 167 -33.51 -18.96 5.49
CA GLU D 167 -34.62 -19.02 6.43
C GLU D 167 -36.02 -19.02 5.80
N GLY D 168 -36.09 -18.76 4.50
CA GLY D 168 -37.39 -18.74 3.83
C GLY D 168 -37.98 -17.35 3.70
N LEU D 169 -38.82 -17.18 2.69
CA LEU D 169 -39.47 -15.89 2.41
C LEU D 169 -39.90 -15.07 3.62
N GLU D 170 -40.78 -15.63 4.45
CA GLU D 170 -41.26 -14.93 5.64
C GLU D 170 -40.12 -14.29 6.42
N ALA D 171 -39.14 -15.12 6.80
CA ALA D 171 -37.99 -14.62 7.55
C ALA D 171 -37.20 -13.61 6.73
N ALA D 172 -37.14 -13.82 5.42
CA ALA D 172 -36.41 -12.94 4.53
C ALA D 172 -36.98 -11.53 4.56
N LEU D 173 -38.27 -11.41 4.29
CA LEU D 173 -38.92 -10.10 4.29
C LEU D 173 -38.83 -9.42 5.65
N ASP D 174 -38.85 -10.23 6.72
CA ASP D 174 -38.75 -9.70 8.07
C ASP D 174 -37.43 -8.97 8.21
N ARG D 175 -36.36 -9.61 7.77
CA ARG D 175 -35.03 -9.03 7.83
C ARG D 175 -34.99 -7.79 6.93
N ALA D 176 -35.67 -7.88 5.79
CA ALA D 176 -35.71 -6.79 4.84
C ALA D 176 -36.03 -5.45 5.50
N GLN D 177 -37.22 -5.34 6.09
CA GLN D 177 -37.59 -4.10 6.75
C GLN D 177 -36.68 -3.81 7.93
N ALA D 178 -36.29 -4.87 8.64
CA ALA D 178 -35.40 -4.73 9.79
C ALA D 178 -34.15 -4.00 9.33
N TYR D 179 -33.57 -4.45 8.22
CA TYR D 179 -32.37 -3.83 7.68
C TYR D 179 -32.63 -2.41 7.22
N VAL D 180 -33.82 -2.17 6.68
CA VAL D 180 -34.19 -0.84 6.21
C VAL D 180 -34.39 0.08 7.40
N ASP D 181 -34.98 -0.44 8.46
CA ASP D 181 -35.22 0.36 9.65
C ASP D 181 -33.87 0.78 10.24
N ALA D 182 -32.89 -0.11 10.14
CA ALA D 182 -31.55 0.16 10.64
C ALA D 182 -30.87 1.27 9.84
N GLY D 183 -31.39 1.55 8.65
CA GLY D 183 -30.81 2.61 7.84
C GLY D 183 -30.29 2.21 6.47
N ALA D 184 -30.44 0.95 6.09
CA ALA D 184 -29.97 0.51 4.77
C ALA D 184 -30.72 1.31 3.70
N ASP D 185 -29.97 1.99 2.83
CA ASP D 185 -30.57 2.79 1.77
C ASP D 185 -31.15 1.97 0.63
N MET D 186 -30.59 0.78 0.43
CA MET D 186 -31.04 -0.10 -0.65
C MET D 186 -30.85 -1.55 -0.24
N LEU D 187 -31.61 -2.45 -0.86
CA LEU D 187 -31.51 -3.86 -0.52
C LEU D 187 -30.94 -4.65 -1.71
N PHE D 188 -30.27 -5.75 -1.39
CA PHE D 188 -29.64 -6.60 -2.41
C PHE D 188 -30.00 -8.07 -2.15
N PRO D 189 -31.17 -8.52 -2.64
CA PRO D 189 -31.58 -9.91 -2.44
C PRO D 189 -30.68 -10.78 -3.31
N GLU D 190 -30.13 -11.84 -2.74
CA GLU D 190 -29.23 -12.70 -3.50
C GLU D 190 -29.84 -14.00 -4.00
N ALA D 191 -29.30 -14.49 -5.10
CA ALA D 191 -29.75 -15.74 -5.71
C ALA D 191 -31.26 -15.84 -5.90
N ILE D 192 -31.84 -14.83 -6.55
CA ILE D 192 -33.27 -14.83 -6.82
C ILE D 192 -33.51 -15.45 -8.19
N THR D 193 -34.44 -16.40 -8.26
CA THR D 193 -34.74 -17.07 -9.52
C THR D 193 -36.05 -16.65 -10.17
N GLU D 194 -36.92 -15.98 -9.41
CA GLU D 194 -38.21 -15.54 -9.94
C GLU D 194 -38.55 -14.08 -9.66
N LEU D 195 -38.87 -13.35 -10.72
CA LEU D 195 -39.21 -11.93 -10.63
C LEU D 195 -40.15 -11.61 -9.47
N SER D 196 -41.11 -12.51 -9.21
CA SER D 196 -42.07 -12.32 -8.12
C SER D 196 -41.35 -11.88 -6.86
N MET D 197 -40.35 -12.66 -6.47
CA MET D 197 -39.56 -12.39 -5.27
C MET D 197 -39.07 -10.94 -5.22
N TYR D 198 -38.72 -10.39 -6.38
CA TYR D 198 -38.24 -9.02 -6.42
C TYR D 198 -39.35 -8.05 -6.06
N ARG D 199 -40.50 -8.21 -6.68
CA ARG D 199 -41.64 -7.34 -6.41
C ARG D 199 -41.99 -7.38 -4.93
N ARG D 200 -41.96 -8.57 -4.34
CA ARG D 200 -42.25 -8.73 -2.91
C ARG D 200 -41.28 -7.91 -2.07
N PHE D 201 -39.99 -8.03 -2.35
CA PHE D 201 -38.97 -7.28 -1.62
C PHE D 201 -39.18 -5.79 -1.82
N ALA D 202 -39.63 -5.41 -3.01
CA ALA D 202 -39.87 -4.01 -3.31
C ALA D 202 -41.12 -3.54 -2.55
N ASP D 203 -42.16 -4.37 -2.53
CA ASP D 203 -43.40 -4.02 -1.85
C ASP D 203 -43.23 -3.91 -0.33
N VAL D 204 -42.36 -4.74 0.22
CA VAL D 204 -42.13 -4.72 1.66
C VAL D 204 -41.08 -3.69 2.09
N ALA D 205 -39.85 -3.83 1.58
CA ALA D 205 -38.77 -2.91 1.93
C ALA D 205 -39.03 -1.50 1.43
N GLN D 206 -39.63 -1.39 0.26
CA GLN D 206 -39.95 -0.10 -0.34
C GLN D 206 -38.72 0.79 -0.48
N VAL D 207 -37.62 0.17 -0.91
CA VAL D 207 -36.36 0.87 -1.15
C VAL D 207 -35.79 0.26 -2.44
N PRO D 208 -34.97 1.02 -3.18
CA PRO D 208 -34.37 0.50 -4.42
C PRO D 208 -33.79 -0.90 -4.25
N ILE D 209 -34.30 -1.84 -5.04
CA ILE D 209 -33.85 -3.22 -5.00
C ILE D 209 -32.83 -3.46 -6.10
N LEU D 210 -31.87 -4.35 -5.84
CA LEU D 210 -30.84 -4.65 -6.82
C LEU D 210 -30.90 -6.10 -7.28
N ALA D 211 -30.87 -6.29 -8.59
CA ALA D 211 -30.92 -7.63 -9.16
C ALA D 211 -29.54 -7.99 -9.68
N ASN D 212 -28.95 -9.02 -9.08
CA ASN D 212 -27.63 -9.48 -9.50
C ASN D 212 -27.78 -10.42 -10.70
N ILE D 213 -27.53 -9.89 -11.89
CA ILE D 213 -27.65 -10.69 -13.11
C ILE D 213 -26.29 -11.21 -13.59
N THR D 214 -25.69 -12.08 -12.79
CA THR D 214 -24.39 -12.64 -13.15
C THR D 214 -24.62 -13.92 -13.96
N GLU D 215 -23.62 -14.34 -14.73
CA GLU D 215 -23.77 -15.55 -15.55
C GLU D 215 -23.39 -16.81 -14.78
N PHE D 216 -23.64 -17.95 -15.42
CA PHE D 216 -23.32 -19.26 -14.86
C PHE D 216 -23.72 -19.44 -13.40
N GLY D 217 -24.85 -18.86 -13.02
CA GLY D 217 -25.34 -18.99 -11.66
C GLY D 217 -26.68 -19.71 -11.62
N ALA D 218 -27.48 -19.44 -10.61
CA ALA D 218 -28.78 -20.07 -10.48
C ALA D 218 -29.90 -19.08 -10.83
N THR D 219 -29.51 -17.91 -11.30
CA THR D 219 -30.46 -16.88 -11.68
C THR D 219 -30.55 -16.72 -13.19
N PRO D 220 -31.76 -16.54 -13.72
CA PRO D 220 -31.98 -16.37 -15.16
C PRO D 220 -31.40 -15.05 -15.68
N LEU D 221 -31.00 -15.02 -16.94
CA LEU D 221 -30.44 -13.82 -17.55
C LEU D 221 -31.54 -12.81 -17.88
N PHE D 222 -32.19 -12.29 -16.85
CA PHE D 222 -33.27 -11.33 -17.02
C PHE D 222 -32.85 -10.07 -17.78
N THR D 223 -33.73 -9.61 -18.66
CA THR D 223 -33.49 -8.41 -19.45
C THR D 223 -33.93 -7.19 -18.66
N THR D 224 -33.43 -6.02 -19.04
CA THR D 224 -33.79 -4.80 -18.34
C THR D 224 -35.31 -4.59 -18.31
N ASP D 225 -36.01 -5.02 -19.37
CA ASP D 225 -37.46 -4.86 -19.40
C ASP D 225 -38.13 -5.82 -18.42
N GLU D 226 -37.65 -7.05 -18.35
CA GLU D 226 -38.22 -8.02 -17.42
C GLU D 226 -38.02 -7.51 -16.00
N LEU D 227 -36.80 -7.08 -15.70
CA LEU D 227 -36.48 -6.56 -14.38
C LEU D 227 -37.35 -5.36 -14.01
N ARG D 228 -37.77 -4.61 -15.02
CA ARG D 228 -38.61 -3.44 -14.78
C ARG D 228 -40.02 -3.87 -14.36
N SER D 229 -40.55 -4.90 -15.00
CA SER D 229 -41.88 -5.38 -14.66
C SER D 229 -41.88 -5.93 -13.23
N ALA D 230 -40.68 -6.15 -12.70
CA ALA D 230 -40.54 -6.66 -11.33
C ALA D 230 -40.16 -5.54 -10.37
N HIS D 231 -40.05 -4.33 -10.89
CA HIS D 231 -39.73 -3.13 -10.11
C HIS D 231 -38.25 -2.95 -9.76
N VAL D 232 -37.41 -3.87 -10.22
CA VAL D 232 -35.97 -3.79 -9.95
C VAL D 232 -35.41 -2.42 -10.29
N ALA D 233 -34.72 -1.81 -9.33
CA ALA D 233 -34.14 -0.49 -9.51
C ALA D 233 -32.70 -0.51 -10.03
N MET D 234 -32.03 -1.64 -9.91
CA MET D 234 -30.65 -1.78 -10.38
C MET D 234 -30.35 -3.16 -10.95
N ALA D 235 -29.67 -3.18 -12.09
CA ALA D 235 -29.28 -4.42 -12.75
C ALA D 235 -27.76 -4.53 -12.68
N LEU D 236 -27.27 -5.51 -11.92
CA LEU D 236 -25.83 -5.70 -11.75
C LEU D 236 -25.21 -6.81 -12.61
N TYR D 237 -24.08 -6.51 -13.22
CA TYR D 237 -23.35 -7.46 -14.04
C TYR D 237 -21.92 -7.40 -13.51
N PRO D 238 -21.67 -8.09 -12.38
CA PRO D 238 -20.38 -8.14 -11.70
C PRO D 238 -19.10 -8.55 -12.42
N LEU D 239 -19.14 -9.65 -13.18
CA LEU D 239 -17.94 -10.14 -13.85
C LEU D 239 -18.04 -10.27 -15.37
N SER D 240 -19.18 -9.87 -15.91
CA SER D 240 -19.43 -9.95 -17.34
C SER D 240 -18.23 -9.67 -18.26
N ALA D 241 -17.69 -8.46 -18.20
CA ALA D 241 -16.56 -8.09 -19.04
C ALA D 241 -15.29 -8.88 -18.73
N PHE D 242 -15.10 -9.18 -17.45
CA PHE D 242 -13.94 -9.93 -16.98
C PHE D 242 -13.89 -11.33 -17.60
N ARG D 243 -15.04 -12.01 -17.63
CA ARG D 243 -15.12 -13.35 -18.20
C ARG D 243 -14.71 -13.36 -19.67
N ALA D 244 -15.06 -12.29 -20.38
CA ALA D 244 -14.73 -12.21 -21.79
C ALA D 244 -13.26 -11.85 -21.98
N MET D 245 -12.75 -10.98 -21.11
CA MET D 245 -11.34 -10.57 -21.22
C MET D 245 -10.40 -11.75 -20.98
N ASN D 246 -10.79 -12.67 -20.10
CA ASN D 246 -9.95 -13.84 -19.80
C ASN D 246 -9.92 -14.82 -20.97
N ARG D 247 -11.08 -15.08 -21.55
CA ARG D 247 -11.19 -15.98 -22.69
C ARG D 247 -10.30 -15.52 -23.84
N ALA D 248 -10.29 -14.21 -24.08
CA ALA D 248 -9.50 -13.62 -25.17
C ALA D 248 -7.99 -13.58 -24.88
N ALA D 249 -7.63 -13.36 -23.62
CA ALA D 249 -6.23 -13.32 -23.24
C ALA D 249 -5.68 -14.74 -23.35
N GLU D 250 -6.52 -15.71 -23.02
CA GLU D 250 -6.14 -17.11 -23.08
C GLU D 250 -5.94 -17.54 -24.54
N LYS D 251 -6.78 -17.03 -25.43
CA LYS D 251 -6.69 -17.35 -26.84
C LYS D 251 -5.37 -16.80 -27.38
N VAL D 252 -5.03 -15.59 -26.98
CA VAL D 252 -3.77 -14.99 -27.44
C VAL D 252 -2.59 -15.82 -26.95
N TYR D 253 -2.56 -16.15 -25.66
CA TYR D 253 -1.47 -16.95 -25.10
C TYR D 253 -1.36 -18.29 -25.80
N THR D 254 -2.50 -18.96 -25.97
CA THR D 254 -2.54 -20.26 -26.61
C THR D 254 -1.98 -20.21 -28.03
N VAL D 255 -2.53 -19.34 -28.86
CA VAL D 255 -2.08 -19.22 -30.25
C VAL D 255 -0.61 -18.83 -30.35
N LEU D 256 -0.20 -17.84 -29.57
CA LEU D 256 1.19 -17.39 -29.60
C LEU D 256 2.17 -18.51 -29.26
N ARG D 257 1.80 -19.33 -28.27
CA ARG D 257 2.65 -20.44 -27.84
C ARG D 257 2.73 -21.54 -28.90
N GLN D 258 1.59 -21.89 -29.49
CA GLN D 258 1.56 -22.92 -30.50
C GLN D 258 2.26 -22.49 -31.79
N GLU D 259 1.88 -21.31 -32.28
CA GLU D 259 2.41 -20.78 -33.53
C GLU D 259 3.71 -19.98 -33.52
N GLY D 260 4.23 -19.63 -32.34
CA GLY D 260 5.46 -18.86 -32.28
C GLY D 260 5.34 -17.45 -32.82
N THR D 261 4.10 -16.96 -32.90
CA THR D 261 3.85 -15.60 -33.39
C THR D 261 2.39 -15.26 -33.11
N GLN D 262 2.10 -13.98 -32.93
CA GLN D 262 0.72 -13.57 -32.65
C GLN D 262 -0.02 -13.10 -33.89
N LYS D 263 0.57 -13.33 -35.06
CA LYS D 263 -0.03 -12.91 -36.33
C LYS D 263 -1.50 -13.24 -36.50
N ASN D 264 -1.88 -14.48 -36.16
CA ASN D 264 -3.26 -14.91 -36.33
C ASN D 264 -4.25 -14.54 -35.24
N VAL D 265 -3.88 -13.59 -34.38
CA VAL D 265 -4.79 -13.14 -33.33
C VAL D 265 -4.81 -11.63 -33.31
N ILE D 266 -4.12 -11.01 -34.26
CA ILE D 266 -4.07 -9.56 -34.35
C ILE D 266 -5.45 -8.94 -34.54
N ASP D 267 -6.31 -9.64 -35.29
CA ASP D 267 -7.65 -9.17 -35.57
C ASP D 267 -8.58 -9.11 -34.36
N ILE D 268 -8.20 -9.78 -33.28
CA ILE D 268 -9.02 -9.75 -32.07
C ILE D 268 -8.35 -8.83 -31.05
N MET D 269 -7.41 -8.02 -31.52
CA MET D 269 -6.70 -7.12 -30.65
C MET D 269 -7.10 -5.65 -30.79
N GLN D 270 -7.33 -5.02 -29.65
CA GLN D 270 -7.68 -3.60 -29.62
C GLN D 270 -6.49 -2.88 -30.26
N THR D 271 -6.76 -1.97 -31.19
CA THR D 271 -5.68 -1.25 -31.87
C THR D 271 -5.11 -0.18 -30.96
N ARG D 272 -4.00 0.43 -31.38
CA ARG D 272 -3.37 1.48 -30.60
C ARG D 272 -4.29 2.69 -30.51
N ASN D 273 -4.75 3.16 -31.66
CA ASN D 273 -5.64 4.31 -31.71
C ASN D 273 -6.80 4.12 -30.74
N GLU D 274 -7.27 2.89 -30.64
CA GLU D 274 -8.38 2.57 -29.74
C GLU D 274 -7.97 2.69 -28.27
N LEU D 275 -6.79 2.15 -27.95
CA LEU D 275 -6.28 2.20 -26.59
C LEU D 275 -6.02 3.65 -26.18
N TYR D 276 -5.33 4.38 -27.06
CA TYR D 276 -5.00 5.77 -26.82
C TYR D 276 -6.23 6.63 -26.58
N GLU D 277 -7.27 6.39 -27.37
CA GLU D 277 -8.50 7.15 -27.24
C GLU D 277 -9.24 6.82 -25.96
N SER D 278 -9.26 5.55 -25.58
CA SER D 278 -9.95 5.15 -24.35
C SER D 278 -9.30 5.76 -23.12
N ILE D 279 -8.02 6.07 -23.22
CA ILE D 279 -7.29 6.65 -22.10
C ILE D 279 -6.90 8.10 -22.33
N ASN D 280 -7.51 8.73 -23.33
CA ASN D 280 -7.25 10.12 -23.67
C ASN D 280 -5.76 10.44 -23.81
N TYR D 281 -5.03 9.55 -24.47
CA TYR D 281 -3.59 9.72 -24.67
C TYR D 281 -3.29 11.07 -25.31
N TYR D 282 -3.82 11.26 -26.51
CA TYR D 282 -3.61 12.49 -27.28
C TYR D 282 -3.80 13.74 -26.43
N GLN D 283 -4.91 13.80 -25.70
CA GLN D 283 -5.23 14.95 -24.86
C GLN D 283 -4.06 15.39 -23.99
N PHE D 284 -3.30 14.45 -23.45
CA PHE D 284 -2.16 14.77 -22.61
C PHE D 284 -1.03 15.40 -23.43
MG MG E . 10.79 19.41 4.00
C PYR F . 10.25 19.68 6.97
O PYR F . 10.21 19.46 8.20
OXT PYR F . 10.57 18.70 6.27
CA PYR F . 9.95 21.07 6.32
O3 PYR F . 9.90 21.29 5.09
CB PYR F . 9.71 22.27 7.25
MG MG G . 0.80 -8.33 19.97
C PYR H . 3.28 -6.93 21.30
O PYR H . 4.12 -6.10 21.64
OXT PYR H . 2.29 -6.48 20.68
CA PYR H . 3.37 -8.45 21.63
O3 PYR H . 2.66 -9.35 21.12
CB PYR H . 4.43 -8.91 22.66
MG MG I . 7.75 0.64 -20.95
C PYR J . 6.17 -1.81 -22.16
O PYR J . 5.28 -2.57 -22.60
OXT PYR J . 5.78 -1.00 -21.32
CA PYR J . 7.65 -1.85 -22.62
O3 PYR J . 8.53 -1.06 -22.25
CB PYR J . 8.07 -2.96 -23.61
MG MG K . -18.77 -10.64 -3.15
C PYR L . -19.20 -10.62 -6.39
O PYR L . -18.97 -10.41 -7.60
OXT PYR L . -18.26 -11.15 -5.77
CA PYR L . -20.54 -10.26 -5.67
O3 PYR L . -20.69 -10.19 -4.44
CB PYR L . -21.76 -9.93 -6.54
#